data_8F3W
#
_entry.id   8F3W
#
_cell.length_a   192.948
_cell.length_b   192.948
_cell.length_c   155.949
_cell.angle_alpha   90.00
_cell.angle_beta   90.00
_cell.angle_gamma   120.00
#
_symmetry.space_group_name_H-M   'P 63 2 2'
#
loop_
_entity.id
_entity.type
_entity.pdbx_description
1 polymer 'Penicillin binding protein 5'
2 non-polymer 'OPEN FORM - PENICILLIN G'
3 non-polymer 'SULFATE ION'
4 water water
#
_entity_poly.entity_id   1
_entity_poly.type   'polypeptide(L)'
_entity_poly.pdbx_seq_one_letter_code
;GHMQETQAVEAGEKTVEQFVQALNKGDYNKAAEMTSKKAANKSALSEKEILDKYQNIYGAADVKGLQISNLKVDKKDDST
YSFSYKAKMNTSLGELKDLSYKGTLDRNDGQTTINWQPNLVFPEMEGNDKVSLTTQEAARGNIIDRNGEPLATTGKLKQL
GVVPSKLGDGGEKTANIKAIASSFDLTEDAINQAISQSWVQPDYFVPLKIIDGATPELPAGATIQEVDGRYYPLGEAAAQ
LIGYVGDITAEDIDKNPELSSNGKIGRSGLEMAFDKDLRGTTGGKLSITDADGVEKKVLIEHEVQNGKDIKLTIDAKAQK
TAFDSLGGKAGSTVATTPKTGDLLALASSPSYDPNKMTNGISQEDYKAYEENPEQPFISRFATGYAPGSTFKMITAAIGL
DNGTIDPNEVLTINGLKWQKDSSWGSYQVTRVSDVSQVDLKTALIYSDNIYTAQETLKMGEKKFRTGLDKFIFGEDLDLP
ISMNPAQISNEDSFNSDILLADTGYGQGELLINPIQQAAMYSVFANNGTLVYPKLIADKETKDKKNVIGETAVQTIVPDL
REVVQDVNGTAHSLSALGIPLAAKTGTAEIPAPAPAPGKENSFLFAFNPDNQGYMMVSMLENKEDDDSATKRASELLQYL
NQNYQ
;
_entity_poly.pdbx_strand_id   A
#
loop_
_chem_comp.id
_chem_comp.type
_chem_comp.name
_chem_comp.formula
PNM non-polymer 'OPEN FORM - PENICILLIN G' 'C16 H20 N2 O4 S'
SO4 non-polymer 'SULFATE ION' 'O4 S -2'
#
# COMPACT_ATOMS: atom_id res chain seq x y z
N THR A 6 -34.34 42.06 -22.46
CA THR A 6 -34.45 41.06 -21.40
C THR A 6 -33.08 40.76 -20.79
N GLN A 7 -32.20 41.76 -20.79
CA GLN A 7 -30.87 41.60 -20.22
C GLN A 7 -30.87 41.58 -18.70
N ALA A 8 -32.05 41.67 -18.06
CA ALA A 8 -32.11 41.62 -16.61
C ALA A 8 -32.00 40.19 -16.09
N VAL A 9 -32.61 39.24 -16.80
CA VAL A 9 -32.52 37.84 -16.40
C VAL A 9 -31.11 37.30 -16.60
N GLU A 10 -30.33 37.90 -17.50
CA GLU A 10 -28.95 37.46 -17.71
C GLU A 10 -28.10 37.73 -16.48
N ALA A 11 -28.30 38.87 -15.81
CA ALA A 11 -27.58 39.17 -14.60
C ALA A 11 -28.12 38.42 -13.38
N GLY A 12 -29.37 37.98 -13.43
CA GLY A 12 -29.93 37.24 -12.31
C GLY A 12 -29.42 35.82 -12.22
N GLU A 13 -29.29 35.15 -13.37
CA GLU A 13 -28.74 33.81 -13.37
C GLU A 13 -27.27 33.81 -12.95
N LYS A 14 -26.56 34.91 -13.19
CA LYS A 14 -25.17 34.99 -12.75
C LYS A 14 -25.09 35.21 -11.24
N THR A 15 -26.03 35.97 -10.68
CA THR A 15 -26.02 36.20 -9.24
C THR A 15 -26.24 34.91 -8.47
N VAL A 16 -27.18 34.08 -8.91
CA VAL A 16 -27.41 32.80 -8.25
C VAL A 16 -26.22 31.87 -8.47
N GLU A 17 -25.60 31.93 -9.65
CA GLU A 17 -24.44 31.10 -9.92
C GLU A 17 -23.23 31.54 -9.09
N GLN A 18 -23.06 32.85 -8.92
CA GLN A 18 -21.97 33.35 -8.10
C GLN A 18 -22.16 33.01 -6.63
N PHE A 19 -23.41 32.86 -6.18
CA PHE A 19 -23.68 32.56 -4.79
C PHE A 19 -23.40 31.10 -4.46
N VAL A 20 -23.83 30.19 -5.34
CA VAL A 20 -23.62 28.77 -5.10
C VAL A 20 -22.14 28.43 -5.11
N GLN A 21 -21.37 29.07 -6.00
CA GLN A 21 -19.93 28.81 -6.06
C GLN A 21 -19.25 29.17 -4.74
N ALA A 22 -19.63 30.31 -4.16
CA ALA A 22 -19.01 30.72 -2.90
C ALA A 22 -19.34 29.74 -1.78
N LEU A 23 -20.59 29.26 -1.73
CA LEU A 23 -20.94 28.21 -0.77
C LEU A 23 -20.17 26.93 -1.04
N ASN A 24 -20.05 26.56 -2.31
CA ASN A 24 -19.31 25.35 -2.67
C ASN A 24 -17.83 25.50 -2.33
N LYS A 25 -17.27 26.69 -2.50
CA LYS A 25 -15.87 26.94 -2.20
C LYS A 25 -15.59 27.12 -0.71
N GLY A 26 -16.60 26.98 0.14
CA GLY A 26 -16.43 27.13 1.57
C GLY A 26 -16.33 28.56 2.06
N ASP A 27 -16.20 29.54 1.16
CA ASP A 27 -16.13 30.95 1.54
C ASP A 27 -17.55 31.44 1.79
N TYR A 28 -17.98 31.36 3.05
CA TYR A 28 -19.32 31.81 3.41
C TYR A 28 -19.42 33.32 3.54
N ASN A 29 -18.31 34.00 3.82
CA ASN A 29 -18.35 35.45 3.95
C ASN A 29 -18.57 36.12 2.59
N LYS A 30 -17.87 35.65 1.56
CA LYS A 30 -18.08 36.20 0.22
C LYS A 30 -19.49 35.92 -0.28
N ALA A 31 -20.06 34.77 0.11
CA ALA A 31 -21.45 34.48 -0.23
C ALA A 31 -22.42 35.40 0.50
N ALA A 32 -22.08 35.79 1.73
CA ALA A 32 -22.97 36.63 2.50
C ALA A 32 -22.94 38.09 2.05
N GLU A 33 -21.91 38.49 1.31
CA GLU A 33 -21.81 39.88 0.88
C GLU A 33 -22.67 40.16 -0.34
N MET A 34 -22.91 39.15 -1.19
CA MET A 34 -23.76 39.31 -2.35
C MET A 34 -25.23 39.09 -2.03
N THR A 35 -25.63 39.28 -0.78
CA THR A 35 -27.03 39.26 -0.39
C THR A 35 -27.50 40.69 -0.12
N SER A 36 -28.82 40.86 -0.12
CA SER A 36 -29.41 42.18 0.09
C SER A 36 -29.34 42.56 1.56
N LYS A 37 -29.79 43.78 1.87
CA LYS A 37 -29.82 44.24 3.24
C LYS A 37 -30.90 43.51 4.03
N LYS A 38 -30.86 43.65 5.35
CA LYS A 38 -31.84 43.02 6.23
C LYS A 38 -33.15 43.78 6.15
N ALA A 39 -34.22 43.08 5.79
CA ALA A 39 -35.57 43.65 5.72
C ALA A 39 -36.55 42.49 5.56
N ALA A 40 -37.83 42.80 5.76
CA ALA A 40 -38.87 41.79 5.54
C ALA A 40 -39.04 41.50 4.06
N ASN A 41 -38.78 42.48 3.20
CA ASN A 41 -38.84 42.30 1.75
C ASN A 41 -37.48 41.97 1.15
N LYS A 42 -36.48 41.72 1.98
CA LYS A 42 -35.15 41.40 1.50
C LYS A 42 -34.54 40.24 2.27
N SER A 43 -33.28 40.36 2.67
CA SER A 43 -32.62 39.31 3.44
C SER A 43 -33.16 39.25 4.85
N ALA A 44 -33.19 38.04 5.40
CA ALA A 44 -33.70 37.82 6.75
C ALA A 44 -32.64 37.96 7.83
N LEU A 45 -31.36 38.02 7.47
CA LEU A 45 -30.28 38.15 8.43
C LEU A 45 -29.22 39.09 7.88
N SER A 46 -28.31 39.52 8.76
CA SER A 46 -27.20 40.37 8.37
C SER A 46 -26.13 39.53 7.65
N GLU A 47 -25.06 40.21 7.23
CA GLU A 47 -23.98 39.51 6.56
C GLU A 47 -23.18 38.66 7.54
N LYS A 48 -22.78 39.25 8.67
CA LYS A 48 -22.08 38.48 9.70
C LYS A 48 -22.98 37.45 10.36
N GLU A 49 -24.29 37.63 10.30
CA GLU A 49 -25.22 36.65 10.86
C GLU A 49 -25.43 35.47 9.91
N ILE A 50 -25.39 35.73 8.60
CA ILE A 50 -25.47 34.64 7.62
C ILE A 50 -24.19 33.83 7.63
N LEU A 51 -23.05 34.49 7.79
CA LEU A 51 -21.77 33.79 7.86
C LEU A 51 -21.77 32.76 8.98
N ASP A 52 -22.15 33.16 10.19
CA ASP A 52 -22.22 32.23 11.31
C ASP A 52 -23.31 31.19 11.11
N LYS A 53 -24.34 31.50 10.32
CA LYS A 53 -25.40 30.52 10.07
C LYS A 53 -24.91 29.38 9.20
N TYR A 54 -24.28 29.70 8.07
CA TYR A 54 -23.76 28.66 7.18
C TYR A 54 -22.58 27.94 7.82
N GLN A 55 -21.69 28.67 8.49
CA GLN A 55 -20.50 28.05 9.05
C GLN A 55 -20.85 27.04 10.14
N ASN A 56 -21.86 27.34 10.95
CA ASN A 56 -22.26 26.42 12.01
C ASN A 56 -23.01 25.22 11.47
N ILE A 57 -23.91 25.43 10.49
CA ILE A 57 -24.76 24.35 10.00
C ILE A 57 -24.01 23.50 8.99
N TYR A 58 -23.52 24.12 7.91
CA TYR A 58 -22.78 23.36 6.91
C TYR A 58 -21.50 22.76 7.48
N GLY A 59 -20.91 23.42 8.48
CA GLY A 59 -19.72 22.87 9.10
C GLY A 59 -20.01 21.66 9.96
N ALA A 60 -21.13 21.67 10.67
CA ALA A 60 -21.47 20.56 11.55
C ALA A 60 -21.79 19.29 10.76
N ALA A 61 -22.31 19.44 9.55
CA ALA A 61 -22.60 18.30 8.69
C ALA A 61 -21.50 18.03 7.68
N ASP A 62 -20.43 18.82 7.68
CA ASP A 62 -19.32 18.68 6.74
C ASP A 62 -19.81 18.72 5.30
N VAL A 63 -20.62 19.74 4.99
CA VAL A 63 -21.15 19.91 3.65
C VAL A 63 -20.02 20.24 2.70
N LYS A 64 -19.96 19.54 1.57
CA LYS A 64 -18.92 19.73 0.58
C LYS A 64 -19.45 19.32 -0.78
N GLY A 65 -19.10 20.09 -1.80
CA GLY A 65 -19.50 19.76 -3.16
C GLY A 65 -20.95 20.12 -3.47
N LEU A 66 -21.33 21.35 -3.17
CA LEU A 66 -22.66 21.84 -3.50
C LEU A 66 -22.71 22.18 -4.98
N GLN A 67 -23.57 21.50 -5.72
CA GLN A 67 -23.73 21.72 -7.15
C GLN A 67 -25.21 21.75 -7.50
N ILE A 68 -25.59 22.63 -8.41
CA ILE A 68 -26.99 22.89 -8.72
C ILE A 68 -27.27 22.53 -10.17
N SER A 69 -28.55 22.48 -10.51
CA SER A 69 -29.00 22.17 -11.85
C SER A 69 -30.46 22.59 -11.99
N ASN A 70 -30.91 22.69 -13.24
CA ASN A 70 -32.30 23.03 -13.56
C ASN A 70 -32.67 24.41 -13.01
N LEU A 71 -31.84 25.40 -13.34
CA LEU A 71 -32.05 26.76 -12.86
C LEU A 71 -33.09 27.47 -13.72
N LYS A 72 -33.94 28.26 -13.08
CA LYS A 72 -34.99 29.02 -13.77
C LYS A 72 -35.15 30.36 -13.07
N VAL A 73 -34.80 31.44 -13.76
CA VAL A 73 -34.88 32.80 -13.23
C VAL A 73 -35.92 33.57 -14.04
N ASP A 74 -36.80 34.29 -13.34
CA ASP A 74 -37.87 35.04 -14.00
C ASP A 74 -37.81 36.52 -13.62
N LYS A 75 -38.98 37.16 -13.57
CA LYS A 75 -39.07 38.58 -13.19
C LYS A 75 -40.52 38.85 -12.82
N LYS A 76 -40.82 38.80 -11.53
CA LYS A 76 -42.22 38.90 -11.08
C LYS A 76 -42.68 40.35 -10.98
N ASP A 77 -41.85 41.23 -10.46
CA ASP A 77 -42.23 42.63 -10.26
C ASP A 77 -41.16 43.54 -10.84
N ASP A 78 -41.11 44.79 -10.36
CA ASP A 78 -40.15 45.75 -10.88
C ASP A 78 -38.72 45.35 -10.57
N SER A 79 -38.46 44.90 -9.34
CA SER A 79 -37.14 44.42 -8.98
C SER A 79 -37.20 43.11 -8.18
N THR A 80 -38.28 42.35 -8.33
CA THR A 80 -38.48 41.10 -7.61
C THR A 80 -38.45 39.96 -8.64
N TYR A 81 -37.24 39.50 -8.95
CA TYR A 81 -37.04 38.43 -9.91
C TYR A 81 -36.88 37.12 -9.14
N SER A 82 -37.91 36.28 -9.20
CA SER A 82 -37.90 35.01 -8.49
C SER A 82 -37.02 33.99 -9.22
N PHE A 83 -36.34 33.14 -8.44
CA PHE A 83 -35.47 32.12 -8.98
C PHE A 83 -35.71 30.81 -8.25
N SER A 84 -35.39 29.71 -8.94
CA SER A 84 -35.54 28.37 -8.36
C SER A 84 -34.64 27.42 -9.12
N TYR A 85 -34.23 26.35 -8.43
CA TYR A 85 -33.35 25.34 -9.01
C TYR A 85 -33.39 24.12 -8.11
N LYS A 86 -32.63 23.09 -8.51
CA LYS A 86 -32.39 21.92 -7.70
C LYS A 86 -30.89 21.76 -7.47
N ALA A 87 -30.54 21.12 -6.35
CA ALA A 87 -29.14 21.01 -5.96
C ALA A 87 -28.89 19.68 -5.26
N LYS A 88 -27.60 19.35 -5.15
CA LYS A 88 -27.16 18.18 -4.42
C LYS A 88 -25.86 18.51 -3.70
N MET A 89 -25.58 17.77 -2.63
CA MET A 89 -24.40 18.03 -1.83
C MET A 89 -23.97 16.75 -1.14
N ASN A 90 -22.73 16.76 -0.65
CA ASN A 90 -22.14 15.63 0.06
C ASN A 90 -21.93 16.01 1.52
N THR A 91 -22.44 15.19 2.43
CA THR A 91 -22.35 15.42 3.87
C THR A 91 -21.67 14.23 4.53
N SER A 92 -21.64 14.25 5.87
CA SER A 92 -21.03 13.17 6.63
C SER A 92 -21.79 11.86 6.49
N LEU A 93 -23.04 11.90 6.04
CA LEU A 93 -23.87 10.72 5.93
C LEU A 93 -24.21 10.41 4.47
N GLY A 94 -23.32 10.75 3.56
CA GLY A 94 -23.51 10.46 2.15
C GLY A 94 -23.96 11.67 1.36
N GLU A 95 -24.51 11.38 0.18
CA GLU A 95 -24.96 12.43 -0.73
C GLU A 95 -26.40 12.80 -0.44
N LEU A 96 -26.67 14.10 -0.43
CA LEU A 96 -28.02 14.64 -0.27
C LEU A 96 -28.43 15.19 -1.63
N LYS A 97 -29.26 14.44 -2.35
CA LYS A 97 -29.64 14.79 -3.71
C LYS A 97 -31.11 15.19 -3.78
N ASP A 98 -31.47 15.83 -4.89
CA ASP A 98 -32.84 16.23 -5.17
C ASP A 98 -33.37 17.20 -4.11
N LEU A 99 -32.72 18.36 -4.04
CA LEU A 99 -33.09 19.42 -3.12
C LEU A 99 -33.72 20.56 -3.90
N SER A 100 -34.94 20.95 -3.52
CA SER A 100 -35.68 22.02 -4.19
C SER A 100 -35.48 23.32 -3.42
N TYR A 101 -34.81 24.29 -4.04
CA TYR A 101 -34.54 25.59 -3.44
C TYR A 101 -35.40 26.66 -4.09
N LYS A 102 -35.77 27.67 -3.30
CA LYS A 102 -36.57 28.79 -3.80
C LYS A 102 -35.84 30.11 -3.58
N GLY A 103 -36.57 31.14 -3.17
CA GLY A 103 -36.01 32.45 -2.94
C GLY A 103 -36.28 33.42 -4.07
N THR A 104 -35.98 34.69 -3.81
CA THR A 104 -36.15 35.76 -4.77
C THR A 104 -34.85 36.57 -4.86
N LEU A 105 -34.79 37.43 -5.87
CA LEU A 105 -33.66 38.32 -6.09
C LEU A 105 -34.10 39.77 -5.92
N ASP A 106 -33.12 40.66 -5.97
CA ASP A 106 -33.38 42.10 -5.87
C ASP A 106 -32.30 42.82 -6.67
N ARG A 107 -32.73 43.72 -7.56
CA ARG A 107 -31.81 44.41 -8.47
C ARG A 107 -32.06 45.92 -8.43
N ASN A 108 -31.92 46.50 -7.24
CA ASN A 108 -31.84 47.94 -7.15
C ASN A 108 -30.44 48.39 -7.57
N ASP A 109 -30.29 49.70 -7.78
CA ASP A 109 -29.05 50.26 -8.33
C ASP A 109 -28.71 49.61 -9.67
N GLY A 110 -27.86 48.60 -9.65
CA GLY A 110 -27.48 47.91 -10.86
C GLY A 110 -26.99 46.49 -10.62
N GLN A 111 -26.78 46.14 -9.36
CA GLN A 111 -26.30 44.82 -8.97
C GLN A 111 -27.46 43.98 -8.48
N THR A 112 -27.45 42.70 -8.85
CA THR A 112 -28.49 41.76 -8.45
C THR A 112 -28.06 41.09 -7.15
N THR A 113 -28.71 41.45 -6.05
CA THR A 113 -28.47 40.84 -4.77
C THR A 113 -29.58 39.84 -4.45
N ILE A 114 -29.27 38.90 -3.56
CA ILE A 114 -30.18 37.82 -3.21
C ILE A 114 -30.92 38.18 -1.93
N ASN A 115 -32.23 37.97 -1.93
CA ASN A 115 -33.04 38.08 -0.73
C ASN A 115 -32.89 36.79 0.06
N TRP A 116 -31.93 36.79 0.97
CA TRP A 116 -31.61 35.58 1.73
C TRP A 116 -32.77 35.20 2.64
N GLN A 117 -33.03 33.90 2.71
CA GLN A 117 -34.06 33.34 3.58
C GLN A 117 -33.54 32.04 4.17
N PRO A 118 -34.09 31.60 5.29
CA PRO A 118 -33.68 30.29 5.86
C PRO A 118 -33.70 29.15 4.85
N ASN A 119 -34.68 29.11 3.94
CA ASN A 119 -34.78 28.00 3.00
C ASN A 119 -33.63 27.96 2.00
N LEU A 120 -32.67 28.88 2.08
CA LEU A 120 -31.47 28.83 1.28
C LEU A 120 -30.34 28.04 1.94
N VAL A 121 -30.56 27.54 3.15
CA VAL A 121 -29.64 26.60 3.77
C VAL A 121 -30.06 25.16 3.51
N PHE A 122 -31.32 24.84 3.82
CA PHE A 122 -31.97 23.60 3.45
C PHE A 122 -33.38 23.93 2.99
N PRO A 123 -33.99 23.09 2.15
CA PRO A 123 -35.25 23.49 1.49
C PRO A 123 -36.36 23.94 2.44
N GLU A 124 -36.51 23.28 3.60
CA GLU A 124 -37.65 23.50 4.46
C GLU A 124 -37.31 24.30 5.72
N MET A 125 -36.16 24.99 5.72
CA MET A 125 -35.83 25.85 6.85
C MET A 125 -36.79 27.02 6.92
N GLU A 126 -37.13 27.43 8.14
CA GLU A 126 -38.15 28.46 8.33
C GLU A 126 -37.86 29.21 9.63
N GLY A 127 -37.44 30.47 9.52
CA GLY A 127 -37.22 31.27 10.71
C GLY A 127 -36.04 30.78 11.51
N ASN A 128 -36.28 30.55 12.81
CA ASN A 128 -35.23 30.10 13.72
C ASN A 128 -35.22 28.58 13.86
N ASP A 129 -35.23 27.89 12.73
CA ASP A 129 -35.13 26.44 12.74
C ASP A 129 -33.68 26.01 12.95
N LYS A 130 -33.50 24.93 13.70
CA LYS A 130 -32.19 24.40 14.04
C LYS A 130 -31.93 23.12 13.26
N VAL A 131 -30.68 22.67 13.30
CA VAL A 131 -30.26 21.45 12.62
C VAL A 131 -29.50 20.59 13.62
N SER A 132 -29.81 19.30 13.67
CA SER A 132 -29.12 18.34 14.52
C SER A 132 -28.55 17.22 13.68
N LEU A 133 -27.42 16.66 14.13
CA LEU A 133 -26.75 15.57 13.44
C LEU A 133 -26.27 14.56 14.48
N THR A 134 -26.88 13.37 14.49
CA THR A 134 -26.46 12.26 15.32
C THR A 134 -25.84 11.19 14.42
N THR A 135 -24.68 10.68 14.80
CA THR A 135 -23.96 9.68 14.01
C THR A 135 -23.51 8.53 14.90
N GLN A 136 -23.56 7.32 14.34
CA GLN A 136 -23.03 6.12 14.99
C GLN A 136 -21.87 5.62 14.14
N GLU A 137 -20.68 5.55 14.74
CA GLU A 137 -19.48 5.21 13.99
C GLU A 137 -19.49 3.73 13.61
N ALA A 138 -18.99 3.44 12.39
CA ALA A 138 -18.92 2.08 11.90
C ALA A 138 -17.62 1.41 12.31
N ALA A 139 -17.70 0.12 12.62
CA ALA A 139 -16.52 -0.64 12.99
C ALA A 139 -15.73 -1.04 11.75
N ARG A 140 -14.41 -0.93 11.85
CA ARG A 140 -13.55 -1.24 10.71
C ARG A 140 -13.49 -2.75 10.48
N GLY A 141 -13.52 -3.14 9.21
CA GLY A 141 -13.47 -4.55 8.86
C GLY A 141 -12.11 -5.17 9.13
N ASN A 142 -12.08 -6.50 9.04
CA ASN A 142 -10.87 -7.27 9.33
C ASN A 142 -10.17 -7.69 8.04
N ILE A 143 -8.88 -7.94 8.17
CA ILE A 143 -8.06 -8.49 7.09
C ILE A 143 -7.61 -9.87 7.54
N ILE A 144 -7.93 -10.89 6.73
CA ILE A 144 -7.69 -12.27 7.11
C ILE A 144 -6.92 -12.98 6.00
N ASP A 145 -6.27 -14.08 6.38
CA ASP A 145 -5.45 -14.85 5.45
C ASP A 145 -6.33 -15.84 4.69
N ARG A 146 -5.71 -16.73 3.92
CA ARG A 146 -6.47 -17.70 3.13
C ARG A 146 -7.19 -18.74 3.98
N ASN A 147 -6.93 -18.79 5.28
CA ASN A 147 -7.57 -19.75 6.18
C ASN A 147 -8.30 -19.05 7.32
N GLY A 148 -8.59 -17.76 7.18
CA GLY A 148 -9.34 -17.03 8.18
C GLY A 148 -8.55 -16.55 9.37
N GLU A 149 -7.23 -16.70 9.37
CA GLU A 149 -6.44 -16.22 10.50
C GLU A 149 -6.40 -14.69 10.50
N PRO A 150 -6.39 -14.06 11.67
CA PRO A 150 -6.42 -12.60 11.72
C PRO A 150 -5.08 -12.00 11.31
N LEU A 151 -5.13 -11.06 10.37
CA LEU A 151 -3.97 -10.26 10.00
C LEU A 151 -4.08 -8.81 10.40
N ALA A 152 -5.30 -8.26 10.45
CA ALA A 152 -5.53 -6.88 10.88
C ALA A 152 -6.97 -6.80 11.36
N THR A 153 -7.16 -6.78 12.68
CA THR A 153 -8.47 -6.70 13.28
C THR A 153 -8.49 -5.60 14.34
N THR A 154 -9.68 -5.27 14.81
CA THR A 154 -9.87 -4.35 15.91
C THR A 154 -10.30 -5.13 17.15
N GLY A 155 -9.57 -4.95 18.26
CA GLY A 155 -9.84 -5.70 19.46
C GLY A 155 -9.49 -4.92 20.71
N LYS A 156 -9.64 -5.58 21.85
CA LYS A 156 -9.36 -4.97 23.15
C LYS A 156 -7.88 -5.10 23.48
N LEU A 157 -7.32 -4.06 24.11
CA LEU A 157 -5.91 -4.00 24.43
C LEU A 157 -5.73 -3.62 25.90
N LYS A 158 -4.59 -4.03 26.46
CA LYS A 158 -4.23 -3.72 27.85
C LYS A 158 -3.25 -2.55 27.80
N GLN A 159 -3.74 -1.36 28.14
CA GLN A 159 -2.97 -0.13 28.03
C GLN A 159 -2.40 0.24 29.40
N LEU A 160 -1.08 0.38 29.48
CA LEU A 160 -0.42 0.79 30.71
C LEU A 160 -0.34 2.30 30.78
N GLY A 161 -0.61 2.85 31.96
CA GLY A 161 -0.55 4.28 32.17
C GLY A 161 -0.42 4.60 33.64
N VAL A 162 0.01 5.84 33.91
CA VAL A 162 0.27 6.29 35.27
C VAL A 162 -0.57 7.53 35.56
N VAL A 163 -0.90 7.71 36.83
CA VAL A 163 -1.58 8.89 37.32
C VAL A 163 -0.65 9.58 38.31
N PRO A 164 -0.35 10.88 38.13
CA PRO A 164 0.69 11.50 38.96
C PRO A 164 0.36 11.58 40.44
N SER A 165 -0.92 11.57 40.82
CA SER A 165 -1.28 11.75 42.22
C SER A 165 -0.96 10.49 43.04
N LYS A 166 -1.39 9.33 42.54
CA LYS A 166 -1.13 8.06 43.23
C LYS A 166 0.34 7.67 43.21
N LEU A 167 1.20 8.45 42.56
CA LEU A 167 2.62 8.13 42.53
C LEU A 167 3.27 8.42 43.89
N GLY A 168 2.87 9.51 44.54
CA GLY A 168 3.44 9.90 45.80
C GLY A 168 3.78 11.38 45.88
N ASP A 169 4.79 11.72 46.67
CA ASP A 169 5.24 13.10 46.79
C ASP A 169 6.66 13.18 46.27
N GLY A 170 7.68 13.09 47.13
CA GLY A 170 9.06 13.15 46.70
C GLY A 170 9.85 11.98 47.22
N GLY A 171 10.78 11.49 46.40
CA GLY A 171 11.53 10.31 46.75
C GLY A 171 10.73 9.04 46.56
N GLU A 172 9.58 8.94 47.24
CA GLU A 172 8.67 7.83 47.02
C GLU A 172 8.09 7.85 45.61
N LYS A 173 7.91 9.05 45.04
CA LYS A 173 7.44 9.15 43.66
C LYS A 173 8.55 8.79 42.68
N THR A 174 9.79 9.21 42.98
CA THR A 174 10.92 8.85 42.12
C THR A 174 11.19 7.36 42.16
N ALA A 175 10.91 6.70 43.29
CA ALA A 175 11.17 5.27 43.39
C ALA A 175 10.22 4.46 42.52
N ASN A 176 8.94 4.83 42.49
CA ASN A 176 7.98 4.12 41.66
C ASN A 176 8.23 4.37 40.18
N ILE A 177 8.70 5.57 39.82
CA ILE A 177 9.07 5.84 38.44
C ILE A 177 10.19 4.90 37.99
N LYS A 178 11.13 4.62 38.90
CA LYS A 178 12.15 3.60 38.63
C LYS A 178 11.61 2.18 38.75
N ALA A 179 10.48 2.01 39.44
CA ALA A 179 9.86 0.69 39.58
C ALA A 179 8.94 0.36 38.41
N ILE A 180 8.19 1.35 37.92
CA ILE A 180 7.36 1.12 36.75
C ILE A 180 8.22 0.94 35.51
N ALA A 181 9.36 1.61 35.44
CA ALA A 181 10.25 1.46 34.29
C ALA A 181 10.94 0.11 34.29
N SER A 182 11.16 -0.49 35.46
CA SER A 182 11.81 -1.79 35.57
C SER A 182 10.80 -2.94 35.63
N SER A 183 9.55 -2.71 35.23
CA SER A 183 8.54 -3.75 35.23
C SER A 183 7.76 -3.86 33.93
N PHE A 184 7.86 -2.87 33.03
CA PHE A 184 7.15 -2.90 31.76
C PHE A 184 8.08 -2.64 30.57
N ASP A 185 9.39 -2.77 30.77
CA ASP A 185 10.39 -2.54 29.72
C ASP A 185 10.26 -1.12 29.16
N LEU A 186 10.30 -0.13 30.05
CA LEU A 186 10.17 1.27 29.68
C LEU A 186 11.38 2.04 30.21
N THR A 187 11.73 3.11 29.49
CA THR A 187 12.84 3.96 29.89
C THR A 187 12.49 4.74 31.16
N GLU A 188 13.43 4.81 32.09
CA GLU A 188 13.20 5.54 33.32
C GLU A 188 13.10 7.04 33.08
N ASP A 189 13.79 7.55 32.06
CA ASP A 189 13.69 8.96 31.70
C ASP A 189 12.48 9.26 30.84
N ALA A 190 11.72 8.25 30.43
CA ALA A 190 10.52 8.45 29.62
C ALA A 190 9.23 8.45 30.43
N ILE A 191 9.26 7.92 31.66
CA ILE A 191 8.07 7.95 32.50
C ILE A 191 7.73 9.38 32.89
N ASN A 192 8.74 10.18 33.24
CA ASN A 192 8.52 11.59 33.52
C ASN A 192 8.37 12.42 32.26
N GLN A 193 8.81 11.91 31.10
CA GLN A 193 8.59 12.61 29.85
C GLN A 193 7.11 12.72 29.52
N ALA A 194 6.32 11.72 29.94
CA ALA A 194 4.87 11.76 29.74
C ALA A 194 4.14 12.37 30.93
N ILE A 195 4.68 12.23 32.15
CA ILE A 195 4.06 12.84 33.32
C ILE A 195 4.16 14.35 33.24
N SER A 196 5.25 14.89 32.69
CA SER A 196 5.49 16.32 32.65
C SER A 196 5.20 16.92 31.28
N GLN A 197 4.24 16.37 30.55
CA GLN A 197 3.82 16.98 29.29
C GLN A 197 2.96 18.21 29.56
N SER A 198 2.67 18.96 28.50
CA SER A 198 1.92 20.20 28.65
C SER A 198 0.43 19.96 28.92
N TRP A 199 -0.10 18.82 28.49
CA TRP A 199 -1.53 18.54 28.65
C TRP A 199 -1.88 17.89 29.98
N VAL A 200 -0.89 17.59 30.82
CA VAL A 200 -1.10 16.79 32.01
C VAL A 200 -1.63 17.65 33.14
N GLN A 201 -2.52 17.07 33.95
CA GLN A 201 -3.01 17.63 35.19
C GLN A 201 -2.74 16.62 36.31
N PRO A 202 -2.72 17.07 37.57
CA PRO A 202 -2.20 16.20 38.66
C PRO A 202 -2.97 14.90 38.85
N ASP A 203 -4.15 14.74 38.25
CA ASP A 203 -4.95 13.53 38.46
C ASP A 203 -5.30 12.81 37.17
N TYR A 204 -4.73 13.21 36.04
CA TYR A 204 -5.07 12.60 34.76
C TYR A 204 -4.39 11.25 34.60
N PHE A 205 -4.97 10.43 33.71
CA PHE A 205 -4.40 9.14 33.35
C PHE A 205 -3.55 9.33 32.10
N VAL A 206 -2.24 9.31 32.26
CA VAL A 206 -1.31 9.54 31.16
C VAL A 206 -0.91 8.17 30.60
N PRO A 207 -1.14 7.89 29.32
CA PRO A 207 -0.80 6.58 28.77
C PRO A 207 0.70 6.39 28.69
N LEU A 208 1.12 5.12 28.65
CA LEU A 208 2.53 4.77 28.56
C LEU A 208 2.77 3.77 27.43
N LYS A 209 2.82 2.48 27.76
CA LYS A 209 3.10 1.43 26.80
C LYS A 209 1.91 0.50 26.66
N ILE A 210 1.92 -0.29 25.59
CA ILE A 210 0.89 -1.26 25.31
C ILE A 210 1.41 -2.65 25.70
N ILE A 211 0.81 -3.25 26.71
CA ILE A 211 1.16 -4.61 27.11
C ILE A 211 0.53 -5.57 26.10
N ASP A 212 1.36 -6.34 25.40
CA ASP A 212 0.92 -7.25 24.36
C ASP A 212 0.89 -8.70 24.83
N GLY A 213 0.66 -8.92 26.12
CA GLY A 213 0.62 -10.27 26.66
C GLY A 213 0.19 -10.32 28.11
N ALA A 214 1.12 -10.67 29.00
CA ALA A 214 0.83 -10.80 30.42
C ALA A 214 0.94 -9.46 31.12
N THR A 215 0.10 -9.26 32.13
CA THR A 215 0.08 -8.02 32.90
C THR A 215 0.93 -8.21 34.15
N PRO A 216 2.09 -7.55 34.27
CA PRO A 216 2.94 -7.76 35.45
C PRO A 216 2.40 -7.09 36.70
N GLU A 217 3.23 -7.02 37.74
CA GLU A 217 2.81 -6.38 38.99
C GLU A 217 2.77 -4.86 38.81
N LEU A 218 1.82 -4.24 39.51
CA LEU A 218 1.58 -2.80 39.37
C LEU A 218 2.22 -2.08 40.54
N PRO A 219 3.25 -1.25 40.33
CA PRO A 219 3.77 -0.43 41.44
C PRO A 219 2.79 0.63 41.90
N ALA A 220 3.21 1.45 42.87
CA ALA A 220 2.34 2.48 43.41
C ALA A 220 2.07 3.54 42.34
N GLY A 221 0.86 3.52 41.78
CA GLY A 221 0.49 4.48 40.75
C GLY A 221 0.65 3.94 39.35
N ALA A 222 -0.03 2.83 39.05
CA ALA A 222 0.05 2.21 37.73
C ALA A 222 -1.25 1.44 37.49
N THR A 223 -2.09 1.95 36.59
CA THR A 223 -3.37 1.33 36.26
C THR A 223 -3.38 0.91 34.80
N ILE A 224 -3.99 -0.25 34.55
CA ILE A 224 -4.13 -0.80 33.21
C ILE A 224 -5.58 -0.67 32.80
N GLN A 225 -5.86 0.19 31.83
CA GLN A 225 -7.21 0.41 31.32
C GLN A 225 -7.38 -0.27 29.97
N GLU A 226 -8.56 -0.85 29.75
CA GLU A 226 -8.86 -1.58 28.53
C GLU A 226 -9.50 -0.63 27.53
N VAL A 227 -8.80 -0.37 26.42
CA VAL A 227 -9.31 0.46 25.33
C VAL A 227 -9.17 -0.32 24.04
N ASP A 228 -10.18 -0.20 23.18
CA ASP A 228 -10.20 -0.93 21.92
C ASP A 228 -9.44 -0.16 20.84
N GLY A 229 -8.72 -0.90 20.00
CA GLY A 229 -7.95 -0.31 18.92
C GLY A 229 -7.53 -1.35 17.92
N ARG A 230 -6.91 -0.89 16.84
CA ARG A 230 -6.47 -1.79 15.78
C ARG A 230 -5.27 -2.61 16.25
N TYR A 231 -5.27 -3.89 15.90
CA TYR A 231 -4.22 -4.82 16.32
C TYR A 231 -3.77 -5.67 15.14
N TYR A 232 -2.46 -5.88 15.04
CA TYR A 232 -1.86 -6.67 13.97
C TYR A 232 -1.13 -7.86 14.56
N PRO A 233 -1.65 -9.08 14.40
CA PRO A 233 -1.04 -10.23 15.10
C PRO A 233 0.38 -10.53 14.66
N LEU A 234 0.63 -10.60 13.36
CA LEU A 234 1.97 -10.92 12.89
C LEU A 234 2.94 -9.78 13.12
N GLY A 235 2.45 -8.57 13.37
CA GLY A 235 3.35 -7.47 13.72
C GLY A 235 4.17 -7.05 12.52
N GLU A 236 5.48 -6.88 12.76
CA GLU A 236 6.37 -6.42 11.71
C GLU A 236 6.50 -7.42 10.57
N ALA A 237 6.13 -8.68 10.79
CA ALA A 237 6.28 -9.71 9.76
C ALA A 237 5.43 -9.40 8.52
N ALA A 238 4.41 -8.55 8.64
CA ALA A 238 3.60 -8.17 7.50
C ALA A 238 3.26 -6.68 7.52
N ALA A 239 4.11 -5.86 8.15
CA ALA A 239 3.81 -4.44 8.30
C ALA A 239 3.77 -3.73 6.95
N GLN A 240 4.69 -4.07 6.05
CA GLN A 240 4.69 -3.41 4.74
C GLN A 240 3.44 -3.75 3.95
N LEU A 241 3.05 -5.03 3.93
CA LEU A 241 1.89 -5.46 3.16
C LEU A 241 0.60 -4.92 3.76
N ILE A 242 0.36 -5.19 5.04
CA ILE A 242 -0.89 -4.79 5.67
C ILE A 242 -0.93 -3.27 5.85
N GLY A 243 0.13 -2.70 6.38
CA GLY A 243 0.15 -1.28 6.68
C GLY A 243 -0.30 -0.99 8.09
N TYR A 244 -0.74 0.25 8.30
CA TYR A 244 -1.22 0.68 9.61
C TYR A 244 -2.27 1.76 9.41
N VAL A 245 -3.04 2.01 10.45
CA VAL A 245 -4.06 3.06 10.44
C VAL A 245 -3.68 4.12 11.47
N GLY A 246 -4.05 5.37 11.17
CA GLY A 246 -3.76 6.47 12.06
C GLY A 246 -5.02 7.30 12.32
N ASP A 247 -4.90 8.21 13.28
CA ASP A 247 -6.00 9.10 13.60
C ASP A 247 -6.38 9.94 12.39
N ILE A 248 -7.68 10.16 12.23
CA ILE A 248 -8.18 10.95 11.10
C ILE A 248 -8.07 12.43 11.44
N THR A 249 -7.51 13.19 10.50
CA THR A 249 -7.26 14.61 10.71
C THR A 249 -8.37 15.45 10.09
N ALA A 250 -8.31 16.76 10.35
CA ALA A 250 -9.33 17.65 9.82
C ALA A 250 -9.24 17.77 8.31
N GLU A 251 -8.03 17.64 7.74
CA GLU A 251 -7.90 17.71 6.29
C GLU A 251 -8.35 16.43 5.62
N ASP A 252 -8.30 15.30 6.33
CA ASP A 252 -8.90 14.08 5.81
C ASP A 252 -10.40 14.25 5.61
N ILE A 253 -11.07 14.90 6.57
CA ILE A 253 -12.50 15.15 6.45
C ILE A 253 -12.78 16.16 5.33
N ASP A 254 -11.91 17.14 5.16
CA ASP A 254 -12.11 18.13 4.10
C ASP A 254 -11.99 17.50 2.73
N LYS A 255 -11.24 16.40 2.61
CA LYS A 255 -11.10 15.71 1.33
C LYS A 255 -12.22 14.70 1.10
N ASN A 256 -12.69 14.04 2.16
CA ASN A 256 -13.78 13.07 2.07
C ASN A 256 -14.65 13.17 3.31
N PRO A 257 -15.79 13.85 3.24
CA PRO A 257 -16.63 14.05 4.43
C PRO A 257 -17.24 12.77 4.95
N GLU A 258 -17.34 11.72 4.14
CA GLU A 258 -17.95 10.45 4.56
C GLU A 258 -17.09 9.67 5.53
N LEU A 259 -15.96 10.22 5.98
CA LEU A 259 -15.13 9.55 6.98
C LEU A 259 -15.73 9.76 8.37
N SER A 260 -14.91 9.58 9.41
CA SER A 260 -15.35 9.77 10.78
C SER A 260 -14.23 10.45 11.54
N SER A 261 -14.50 11.65 12.07
CA SER A 261 -13.47 12.39 12.78
C SER A 261 -12.94 11.62 14.00
N ASN A 262 -13.74 10.70 14.55
CA ASN A 262 -13.31 9.87 15.66
C ASN A 262 -12.79 8.51 15.22
N GLY A 263 -12.68 8.27 13.90
CA GLY A 263 -12.26 6.99 13.39
C GLY A 263 -10.78 6.96 13.03
N LYS A 264 -10.39 5.84 12.45
CA LYS A 264 -9.02 5.61 11.99
C LYS A 264 -9.02 5.42 10.48
N ILE A 265 -7.98 5.92 9.82
CA ILE A 265 -7.85 5.84 8.37
C ILE A 265 -6.55 5.11 8.04
N GLY A 266 -6.60 4.28 7.00
CA GLY A 266 -5.40 3.60 6.53
C GLY A 266 -4.35 4.56 6.03
N ARG A 267 -3.13 4.45 6.56
CA ARG A 267 -2.05 5.36 6.19
C ARG A 267 -1.02 4.72 5.27
N SER A 268 -1.06 3.42 5.05
CA SER A 268 -0.15 2.72 4.14
C SER A 268 -0.62 1.28 3.98
N GLY A 269 -0.05 0.61 2.99
CA GLY A 269 -0.34 -0.81 2.82
C GLY A 269 -1.78 -1.07 2.38
N LEU A 270 -2.28 -2.26 2.72
CA LEU A 270 -3.65 -2.62 2.36
C LEU A 270 -4.67 -1.85 3.19
N GLU A 271 -4.30 -1.43 4.40
CA GLU A 271 -5.20 -0.63 5.23
C GLU A 271 -5.62 0.65 4.51
N MET A 272 -4.71 1.23 3.73
CA MET A 272 -5.03 2.43 2.95
C MET A 272 -5.64 2.08 1.60
N ALA A 273 -5.13 1.03 0.94
CA ALA A 273 -5.64 0.68 -0.38
C ALA A 273 -7.09 0.23 -0.30
N PHE A 274 -7.47 -0.45 0.79
CA PHE A 274 -8.82 -0.95 0.99
C PHE A 274 -9.54 -0.18 2.10
N ASP A 275 -9.25 1.12 2.21
CA ASP A 275 -9.83 1.91 3.29
C ASP A 275 -11.34 2.02 3.16
N LYS A 276 -11.83 2.20 1.92
CA LYS A 276 -13.27 2.38 1.72
C LYS A 276 -14.04 1.11 2.11
N ASP A 277 -13.55 -0.05 1.69
CA ASP A 277 -14.25 -1.29 1.99
C ASP A 277 -14.08 -1.72 3.44
N LEU A 278 -13.07 -1.21 4.13
CA LEU A 278 -12.82 -1.62 5.51
C LEU A 278 -13.46 -0.69 6.53
N ARG A 279 -13.57 0.61 6.23
CA ARG A 279 -14.11 1.55 7.20
C ARG A 279 -15.64 1.52 7.27
N GLY A 280 -16.30 0.98 6.25
CA GLY A 280 -17.75 0.95 6.25
C GLY A 280 -18.34 2.32 5.94
N THR A 281 -19.57 2.53 6.41
CA THR A 281 -20.27 3.79 6.23
C THR A 281 -20.89 4.24 7.55
N THR A 282 -20.82 5.53 7.82
CA THR A 282 -21.33 6.07 9.07
C THR A 282 -22.85 6.08 9.08
N GLY A 283 -23.44 5.69 10.21
CA GLY A 283 -24.87 5.73 10.40
C GLY A 283 -25.32 6.98 11.16
N GLY A 284 -26.62 7.08 11.32
CA GLY A 284 -27.25 8.21 12.01
C GLY A 284 -28.19 8.96 11.11
N LYS A 285 -28.60 10.14 11.57
CA LYS A 285 -29.57 10.95 10.83
C LYS A 285 -29.23 12.44 10.96
N LEU A 286 -29.55 13.18 9.89
CA LEU A 286 -29.45 14.63 9.86
C LEU A 286 -30.86 15.18 9.69
N SER A 287 -31.31 15.96 10.67
CA SER A 287 -32.69 16.40 10.70
C SER A 287 -32.77 17.88 11.04
N ILE A 288 -33.91 18.48 10.68
CA ILE A 288 -34.24 19.86 11.01
C ILE A 288 -35.20 19.85 12.19
N THR A 289 -34.97 20.72 13.16
CA THR A 289 -35.80 20.81 14.35
C THR A 289 -36.52 22.15 14.40
N ASP A 290 -37.45 22.26 15.35
CA ASP A 290 -38.18 23.51 15.56
C ASP A 290 -37.27 24.53 16.24
N ALA A 291 -37.85 25.69 16.56
CA ALA A 291 -37.12 26.70 17.30
C ALA A 291 -36.77 26.23 18.71
N ASP A 292 -37.47 25.22 19.22
CA ASP A 292 -37.25 24.68 20.55
C ASP A 292 -36.51 23.35 20.54
N GLY A 293 -36.10 22.86 19.38
CA GLY A 293 -35.42 21.59 19.28
C GLY A 293 -36.32 20.41 18.97
N VAL A 294 -37.57 20.66 18.61
CA VAL A 294 -38.50 19.58 18.27
C VAL A 294 -38.30 19.21 16.80
N GLU A 295 -38.03 17.93 16.55
CA GLU A 295 -37.71 17.48 15.20
C GLU A 295 -38.85 17.75 14.23
N LYS A 296 -38.51 18.35 13.09
CA LYS A 296 -39.50 18.73 12.08
C LYS A 296 -39.38 17.89 10.81
N LYS A 297 -38.23 17.92 10.15
CA LYS A 297 -38.01 17.15 8.92
C LYS A 297 -36.68 16.42 8.99
N VAL A 298 -36.67 15.18 8.51
CA VAL A 298 -35.47 14.36 8.43
C VAL A 298 -34.91 14.49 7.02
N LEU A 299 -33.63 14.84 6.91
CA LEU A 299 -32.98 15.00 5.61
C LEU A 299 -32.31 13.70 5.15
N ILE A 300 -31.43 13.16 5.98
CA ILE A 300 -30.70 11.92 5.67
C ILE A 300 -30.80 10.99 6.87
N GLU A 301 -30.90 9.69 6.60
CA GLU A 301 -30.89 8.69 7.65
C GLU A 301 -30.69 7.29 7.08
N HIS A 302 -29.72 6.56 7.61
CA HIS A 302 -29.53 5.15 7.27
C HIS A 302 -28.76 4.47 8.39
N GLU A 303 -28.91 3.15 8.45
CA GLU A 303 -28.27 2.36 9.49
C GLU A 303 -26.75 2.38 9.34
N VAL A 304 -26.07 2.12 10.46
CA VAL A 304 -24.62 1.99 10.46
C VAL A 304 -24.25 0.65 9.85
N GLN A 305 -23.38 0.70 8.83
CA GLN A 305 -22.92 -0.50 8.14
C GLN A 305 -21.43 -0.69 8.42
N ASN A 306 -21.08 -1.77 9.10
CA ASN A 306 -19.69 -2.04 9.42
C ASN A 306 -18.91 -2.38 8.16
N GLY A 307 -17.58 -2.30 8.28
CA GLY A 307 -16.73 -2.55 7.15
C GLY A 307 -16.70 -4.01 6.76
N LYS A 308 -16.38 -4.25 5.48
CA LYS A 308 -16.29 -5.60 4.96
C LYS A 308 -14.96 -6.23 5.35
N ASP A 309 -15.00 -7.52 5.68
CA ASP A 309 -13.77 -8.27 5.83
C ASP A 309 -13.15 -8.55 4.47
N ILE A 310 -11.84 -8.74 4.45
CA ILE A 310 -11.09 -8.96 3.22
C ILE A 310 -10.18 -10.17 3.41
N LYS A 311 -10.38 -11.19 2.58
CA LYS A 311 -9.64 -12.44 2.68
C LYS A 311 -8.52 -12.44 1.64
N LEU A 312 -7.29 -12.57 2.10
CA LEU A 312 -6.12 -12.57 1.24
C LEU A 312 -5.69 -14.00 0.94
N THR A 313 -4.94 -14.14 -0.16
CA THR A 313 -4.31 -15.41 -0.46
C THR A 313 -3.13 -15.72 0.46
N ILE A 314 -2.70 -14.73 1.26
CA ILE A 314 -1.55 -14.91 2.12
C ILE A 314 -1.77 -16.07 3.09
N ASP A 315 -0.73 -16.86 3.28
CA ASP A 315 -0.67 -17.84 4.36
C ASP A 315 0.02 -17.19 5.54
N ALA A 316 -0.72 -17.00 6.64
CA ALA A 316 -0.15 -16.32 7.81
C ALA A 316 1.08 -17.05 8.33
N LYS A 317 1.11 -18.38 8.23
CA LYS A 317 2.25 -19.13 8.72
C LYS A 317 3.44 -19.01 7.77
N ALA A 318 3.17 -19.02 6.46
CA ALA A 318 4.25 -18.83 5.49
C ALA A 318 4.76 -17.39 5.51
N GLN A 319 3.88 -16.42 5.76
CA GLN A 319 4.32 -15.03 5.83
C GLN A 319 5.30 -14.82 6.97
N LYS A 320 5.03 -15.42 8.13
CA LYS A 320 5.92 -15.25 9.28
C LYS A 320 7.24 -15.98 9.05
N THR A 321 7.18 -17.20 8.50
CA THR A 321 8.41 -17.95 8.25
C THR A 321 9.29 -17.25 7.22
N ALA A 322 8.69 -16.73 6.14
CA ALA A 322 9.46 -16.04 5.13
C ALA A 322 10.15 -14.80 5.71
N PHE A 323 9.44 -14.06 6.54
CA PHE A 323 10.02 -12.85 7.14
C PHE A 323 11.12 -13.21 8.12
N ASP A 324 10.86 -14.15 9.02
CA ASP A 324 11.85 -14.50 10.04
C ASP A 324 13.11 -15.09 9.41
N SER A 325 12.98 -15.75 8.26
CA SER A 325 14.15 -16.32 7.59
C SER A 325 15.10 -15.24 7.08
N LEU A 326 14.64 -14.00 6.95
CA LEU A 326 15.50 -12.91 6.51
C LEU A 326 16.36 -12.33 7.63
N GLY A 327 16.20 -12.83 8.86
CA GLY A 327 17.06 -12.47 9.97
C GLY A 327 17.18 -10.98 10.25
N GLY A 328 16.20 -10.19 9.83
CA GLY A 328 16.27 -8.76 9.99
C GLY A 328 17.15 -8.04 8.99
N LYS A 329 17.70 -8.76 8.01
CA LYS A 329 18.55 -8.14 7.00
C LYS A 329 17.68 -7.57 5.88
N ALA A 330 18.31 -6.73 5.05
CA ALA A 330 17.58 -6.14 3.93
C ALA A 330 17.28 -7.21 2.89
N GLY A 331 16.00 -7.31 2.52
CA GLY A 331 15.59 -8.28 1.53
C GLY A 331 14.09 -8.42 1.50
N SER A 332 13.63 -9.43 0.76
CA SER A 332 12.21 -9.71 0.62
C SER A 332 12.04 -11.12 0.04
N THR A 333 10.88 -11.71 0.31
CA THR A 333 10.56 -13.04 -0.17
C THR A 333 9.13 -13.07 -0.66
N VAL A 334 8.92 -13.68 -1.82
CA VAL A 334 7.60 -13.85 -2.42
C VAL A 334 7.37 -15.35 -2.64
N ALA A 335 6.25 -15.86 -2.13
CA ALA A 335 5.87 -17.26 -2.31
C ALA A 335 4.49 -17.32 -2.95
N THR A 336 4.35 -18.14 -3.98
CA THR A 336 3.09 -18.27 -4.70
C THR A 336 2.75 -19.75 -4.91
N THR A 337 1.48 -19.99 -5.22
CA THR A 337 1.06 -21.24 -5.83
C THR A 337 1.02 -20.99 -7.33
N PRO A 338 2.09 -21.36 -8.05
CA PRO A 338 2.28 -20.83 -9.42
C PRO A 338 1.19 -21.21 -10.40
N LYS A 339 0.45 -22.30 -10.15
CA LYS A 339 -0.60 -22.69 -11.08
C LYS A 339 -1.81 -21.75 -10.99
N THR A 340 -2.03 -21.14 -9.83
CA THR A 340 -3.13 -20.20 -9.63
C THR A 340 -2.69 -18.77 -9.47
N GLY A 341 -1.49 -18.52 -8.96
CA GLY A 341 -1.01 -17.18 -8.70
C GLY A 341 -1.28 -16.68 -7.30
N ASP A 342 -1.82 -17.50 -6.41
CA ASP A 342 -2.09 -17.09 -5.04
C ASP A 342 -0.79 -16.67 -4.36
N LEU A 343 -0.71 -15.40 -3.97
CA LEU A 343 0.43 -14.91 -3.23
C LEU A 343 0.36 -15.45 -1.80
N LEU A 344 1.20 -16.44 -1.49
CA LEU A 344 1.20 -17.04 -0.16
C LEU A 344 1.93 -16.18 0.85
N ALA A 345 2.98 -15.47 0.44
CA ALA A 345 3.74 -14.65 1.36
C ALA A 345 4.33 -13.47 0.61
N LEU A 346 4.26 -12.28 1.22
CA LEU A 346 4.89 -11.07 0.70
C LEU A 346 5.66 -10.41 1.84
N ALA A 347 6.81 -10.98 2.18
CA ALA A 347 7.62 -10.49 3.28
C ALA A 347 8.62 -9.44 2.79
N SER A 348 8.93 -8.51 3.67
CA SER A 348 9.93 -7.48 3.41
C SER A 348 10.66 -7.17 4.70
N SER A 349 11.98 -7.03 4.61
CA SER A 349 12.82 -6.84 5.78
C SER A 349 13.92 -5.85 5.46
N PRO A 350 14.33 -4.99 6.42
CA PRO A 350 13.77 -4.88 7.78
C PRO A 350 12.39 -4.25 7.80
N SER A 351 11.73 -4.26 8.95
CA SER A 351 10.35 -3.82 9.04
C SER A 351 10.17 -2.91 10.25
N TYR A 352 8.95 -2.39 10.39
CA TYR A 352 8.56 -1.53 11.50
C TYR A 352 7.44 -2.19 12.28
N ASP A 353 7.21 -1.68 13.50
CA ASP A 353 6.17 -2.21 14.36
C ASP A 353 4.85 -1.53 14.02
N PRO A 354 3.91 -2.21 13.34
CA PRO A 354 2.64 -1.54 13.02
C PRO A 354 1.76 -1.34 14.23
N ASN A 355 1.88 -2.18 15.26
CA ASN A 355 1.11 -1.99 16.48
C ASN A 355 1.57 -0.74 17.22
N LYS A 356 2.89 -0.59 17.38
CA LYS A 356 3.43 0.65 17.94
C LYS A 356 3.11 1.83 17.05
N MET A 357 3.08 1.63 15.74
CA MET A 357 2.82 2.71 14.81
C MET A 357 1.38 3.21 14.92
N THR A 358 0.41 2.29 15.03
CA THR A 358 -0.99 2.68 15.08
C THR A 358 -1.46 3.07 16.48
N ASN A 359 -0.81 2.57 17.52
CA ASN A 359 -1.16 2.97 18.88
C ASN A 359 -0.40 4.23 19.26
N GLY A 360 0.57 4.09 20.17
CA GLY A 360 1.39 5.23 20.55
C GLY A 360 2.83 5.04 20.17
N ILE A 361 3.37 5.95 19.35
CA ILE A 361 4.77 5.91 18.96
C ILE A 361 5.37 7.31 19.15
N SER A 362 6.63 7.35 19.56
CA SER A 362 7.31 8.61 19.82
C SER A 362 7.85 9.20 18.52
N GLN A 363 8.10 10.51 18.56
CA GLN A 363 8.82 11.15 17.47
C GLN A 363 10.24 10.62 17.34
N GLU A 364 10.78 10.02 18.40
CA GLU A 364 12.11 9.44 18.36
C GLU A 364 12.12 8.12 17.62
N ASP A 365 11.22 7.20 17.98
CA ASP A 365 11.14 5.92 17.30
C ASP A 365 10.72 6.08 15.85
N TYR A 366 9.88 7.06 15.55
CA TYR A 366 9.47 7.29 14.17
C TYR A 366 10.61 7.87 13.34
N LYS A 367 11.45 8.71 13.96
CA LYS A 367 12.62 9.22 13.25
C LYS A 367 13.64 8.12 13.02
N ALA A 368 13.75 7.16 13.95
CA ALA A 368 14.64 6.03 13.75
C ALA A 368 14.23 5.18 12.55
N TYR A 369 12.93 5.11 12.27
CA TYR A 369 12.47 4.35 11.12
C TYR A 369 12.80 5.07 9.82
N GLU A 370 12.63 6.38 9.78
CA GLU A 370 12.87 7.12 8.55
C GLU A 370 14.35 7.34 8.28
N GLU A 371 15.15 7.51 9.32
CA GLU A 371 16.58 7.73 9.17
C GLU A 371 17.39 6.43 9.15
N ASN A 372 16.73 5.29 9.30
CA ASN A 372 17.39 4.00 9.15
C ASN A 372 17.85 3.85 7.70
N PRO A 373 19.14 3.64 7.45
CA PRO A 373 19.59 3.51 6.06
C PRO A 373 18.99 2.33 5.33
N GLU A 374 18.72 1.22 6.02
CA GLU A 374 18.11 0.07 5.38
C GLU A 374 16.63 0.27 5.07
N GLN A 375 16.05 1.40 5.48
CA GLN A 375 14.71 1.84 5.09
C GLN A 375 13.66 0.79 5.35
N PRO A 376 13.23 0.60 6.61
CA PRO A 376 12.24 -0.46 6.90
C PRO A 376 10.86 -0.18 6.33
N PHE A 377 10.58 1.05 5.88
CA PHE A 377 9.27 1.36 5.34
C PHE A 377 9.09 0.87 3.91
N ILE A 378 10.17 0.51 3.22
CA ILE A 378 10.07 0.14 1.82
C ILE A 378 9.42 -1.23 1.68
N SER A 379 8.45 -1.35 0.77
CA SER A 379 7.90 -2.65 0.39
C SER A 379 8.80 -3.21 -0.69
N ARG A 380 9.79 -4.02 -0.27
CA ARG A 380 10.82 -4.48 -1.20
C ARG A 380 10.26 -5.49 -2.20
N PHE A 381 9.19 -6.20 -1.86
CA PHE A 381 8.56 -7.09 -2.82
C PHE A 381 7.92 -6.34 -3.98
N ALA A 382 7.74 -5.01 -3.86
CA ALA A 382 7.21 -4.18 -4.93
C ALA A 382 8.26 -3.25 -5.52
N THR A 383 9.52 -3.39 -5.13
CA THR A 383 10.60 -2.56 -5.61
C THR A 383 11.33 -3.26 -6.75
N GLY A 384 11.54 -2.56 -7.85
CA GLY A 384 12.22 -3.15 -8.99
C GLY A 384 13.71 -3.30 -8.75
N TYR A 385 14.22 -4.46 -9.13
CA TYR A 385 15.64 -4.77 -9.04
C TYR A 385 16.11 -5.38 -10.35
N ALA A 386 17.43 -5.46 -10.50
CA ALA A 386 17.99 -6.28 -11.57
C ALA A 386 17.86 -7.74 -11.15
N PRO A 387 17.27 -8.60 -11.99
CA PRO A 387 16.98 -9.97 -11.52
C PRO A 387 18.22 -10.80 -11.28
N GLY A 388 19.32 -10.51 -11.97
CA GLY A 388 20.52 -11.32 -11.82
C GLY A 388 20.44 -12.59 -12.63
N SER A 389 21.24 -13.57 -12.25
CA SER A 389 21.41 -14.78 -13.04
C SER A 389 20.16 -15.66 -13.10
N THR A 390 19.14 -15.40 -12.28
CA THR A 390 17.90 -16.15 -12.38
C THR A 390 17.25 -15.87 -13.72
N PHE A 391 17.51 -14.68 -14.26
CA PHE A 391 16.96 -14.28 -15.55
C PHE A 391 17.52 -15.13 -16.70
N LYS A 392 18.58 -15.88 -16.47
CA LYS A 392 19.10 -16.76 -17.52
C LYS A 392 18.07 -17.80 -17.94
N MET A 393 17.16 -18.17 -17.04
CA MET A 393 16.11 -19.11 -17.42
C MET A 393 15.27 -18.57 -18.56
N ILE A 394 14.97 -17.28 -18.54
CA ILE A 394 14.12 -16.69 -19.58
C ILE A 394 14.93 -16.46 -20.86
N THR A 395 16.18 -15.99 -20.72
CA THR A 395 17.02 -15.84 -21.90
C THR A 395 17.24 -17.18 -22.60
N ALA A 396 17.40 -18.26 -21.82
CA ALA A 396 17.57 -19.58 -22.40
C ALA A 396 16.28 -20.07 -23.07
N ALA A 397 15.14 -19.88 -22.41
CA ALA A 397 13.88 -20.33 -22.98
C ALA A 397 13.57 -19.59 -24.28
N ILE A 398 13.91 -18.31 -24.35
CA ILE A 398 13.75 -17.57 -25.60
C ILE A 398 14.66 -18.15 -26.66
N GLY A 399 15.91 -18.48 -26.30
CA GLY A 399 16.83 -19.06 -27.26
C GLY A 399 16.40 -20.43 -27.73
N LEU A 400 15.70 -21.18 -26.89
CA LEU A 400 15.16 -22.46 -27.33
C LEU A 400 13.91 -22.29 -28.18
N ASP A 401 13.11 -21.25 -27.92
CA ASP A 401 11.87 -21.06 -28.68
C ASP A 401 12.17 -20.68 -30.13
N ASN A 402 13.14 -19.80 -30.35
CA ASN A 402 13.50 -19.39 -31.70
C ASN A 402 14.63 -20.22 -32.29
N GLY A 403 14.94 -21.38 -31.70
CA GLY A 403 15.94 -22.27 -32.25
C GLY A 403 17.35 -21.76 -32.24
N THR A 404 17.63 -20.66 -31.53
CA THR A 404 18.99 -20.12 -31.51
C THR A 404 19.92 -20.96 -30.66
N ILE A 405 19.41 -21.52 -29.56
CA ILE A 405 20.22 -22.28 -28.62
C ILE A 405 19.97 -23.77 -28.86
N ASP A 406 21.05 -24.51 -29.12
CA ASP A 406 20.99 -25.96 -29.14
C ASP A 406 21.37 -26.49 -27.76
N PRO A 407 20.48 -27.19 -27.06
CA PRO A 407 20.80 -27.64 -25.70
C PRO A 407 22.04 -28.50 -25.62
N ASN A 408 22.33 -29.28 -26.66
CA ASN A 408 23.48 -30.17 -26.67
C ASN A 408 24.73 -29.52 -27.26
N GLU A 409 24.60 -28.36 -27.91
CA GLU A 409 25.77 -27.67 -28.43
C GLU A 409 26.65 -27.21 -27.27
N VAL A 410 27.95 -27.47 -27.39
CA VAL A 410 28.92 -27.21 -26.32
C VAL A 410 29.85 -26.10 -26.79
N LEU A 411 29.71 -24.92 -26.20
CA LEU A 411 30.62 -23.83 -26.46
C LEU A 411 31.93 -24.04 -25.71
N THR A 412 33.02 -23.58 -26.32
CA THR A 412 34.36 -23.69 -25.72
C THR A 412 34.76 -22.32 -25.18
N ILE A 413 34.79 -22.20 -23.87
CA ILE A 413 35.11 -20.95 -23.19
C ILE A 413 36.36 -21.15 -22.37
N ASN A 414 37.36 -20.31 -22.59
CA ASN A 414 38.65 -20.42 -21.91
C ASN A 414 38.87 -19.16 -21.07
N GLY A 415 39.01 -19.36 -19.76
CA GLY A 415 39.24 -18.26 -18.85
C GLY A 415 37.97 -17.79 -18.18
N LEU A 416 38.08 -16.62 -17.54
CA LEU A 416 36.98 -16.03 -16.81
C LEU A 416 36.47 -14.73 -17.43
N LYS A 417 37.05 -14.31 -18.56
CA LYS A 417 36.67 -13.07 -19.22
C LYS A 417 36.49 -13.32 -20.71
N TRP A 418 35.62 -12.51 -21.34
CA TRP A 418 35.34 -12.66 -22.75
C TRP A 418 34.70 -11.37 -23.27
N GLN A 419 34.97 -11.05 -24.53
CA GLN A 419 34.34 -9.95 -25.21
C GLN A 419 34.08 -10.34 -26.66
N LYS A 420 33.09 -9.69 -27.27
CA LYS A 420 32.73 -10.00 -28.65
C LYS A 420 33.90 -9.77 -29.59
N ASP A 421 34.47 -8.57 -29.55
CA ASP A 421 35.61 -8.22 -30.39
C ASP A 421 36.39 -7.12 -29.68
N SER A 422 37.30 -6.48 -30.41
CA SER A 422 38.17 -5.46 -29.82
C SER A 422 37.42 -4.15 -29.56
N SER A 423 36.28 -3.93 -30.20
CA SER A 423 35.54 -2.68 -30.02
C SER A 423 34.96 -2.52 -28.62
N TRP A 424 34.89 -3.60 -27.83
CA TRP A 424 34.39 -3.51 -26.47
C TRP A 424 35.39 -2.86 -25.53
N GLY A 425 36.64 -2.66 -25.94
CA GLY A 425 37.57 -1.95 -25.11
C GLY A 425 37.98 -2.80 -23.94
N SER A 426 37.78 -2.28 -22.73
CA SER A 426 38.18 -2.98 -21.52
C SER A 426 37.07 -3.81 -20.89
N TYR A 427 35.82 -3.56 -21.27
CA TYR A 427 34.71 -4.30 -20.68
C TYR A 427 34.69 -5.73 -21.19
N GLN A 428 34.46 -6.66 -20.27
CA GLN A 428 34.40 -8.08 -20.61
C GLN A 428 33.37 -8.75 -19.73
N VAL A 429 32.61 -9.68 -20.32
CA VAL A 429 31.70 -10.50 -19.53
C VAL A 429 32.52 -11.43 -18.63
N THR A 430 32.08 -11.57 -17.39
CA THR A 430 32.83 -12.30 -16.37
C THR A 430 32.01 -13.47 -15.84
N ARG A 431 32.67 -14.62 -15.69
CA ARG A 431 32.09 -15.79 -15.06
C ARG A 431 32.94 -16.19 -13.86
N VAL A 432 32.38 -17.05 -13.01
CA VAL A 432 33.05 -17.44 -11.77
C VAL A 432 33.75 -18.79 -11.85
N SER A 433 33.34 -19.68 -12.76
CA SER A 433 33.90 -21.01 -12.86
C SER A 433 34.54 -21.18 -14.23
N ASP A 434 35.79 -21.64 -14.25
CA ASP A 434 36.55 -21.80 -15.48
C ASP A 434 36.31 -23.20 -16.05
N VAL A 435 35.10 -23.39 -16.56
CA VAL A 435 34.73 -24.64 -17.23
C VAL A 435 34.98 -24.47 -18.72
N SER A 436 35.77 -25.37 -19.29
CA SER A 436 36.14 -25.25 -20.70
C SER A 436 34.99 -25.64 -21.61
N GLN A 437 34.36 -26.78 -21.36
CA GLN A 437 33.25 -27.28 -22.18
C GLN A 437 31.94 -26.93 -21.50
N VAL A 438 31.20 -25.99 -22.08
CA VAL A 438 29.98 -25.46 -21.48
C VAL A 438 28.84 -25.62 -22.48
N ASP A 439 27.83 -26.39 -22.11
CA ASP A 439 26.56 -26.45 -22.83
C ASP A 439 25.48 -25.78 -21.97
N LEU A 440 24.23 -25.91 -22.39
CA LEU A 440 23.15 -25.24 -21.68
C LEU A 440 23.01 -25.76 -20.26
N LYS A 441 23.05 -27.09 -20.08
CA LYS A 441 22.91 -27.65 -18.74
C LYS A 441 24.07 -27.24 -17.85
N THR A 442 25.30 -27.28 -18.39
CA THR A 442 26.46 -26.85 -17.60
C THR A 442 26.37 -25.37 -17.26
N ALA A 443 25.87 -24.55 -18.19
CA ALA A 443 25.81 -23.12 -17.96
C ALA A 443 24.85 -22.77 -16.82
N LEU A 444 23.70 -23.44 -16.77
CA LEU A 444 22.74 -23.17 -15.70
C LEU A 444 23.25 -23.67 -14.35
N ILE A 445 24.03 -24.74 -14.34
CA ILE A 445 24.54 -25.28 -13.08
C ILE A 445 25.56 -24.34 -12.45
N TYR A 446 26.58 -23.96 -13.21
CA TYR A 446 27.62 -23.08 -12.71
C TYR A 446 27.24 -21.61 -12.80
N SER A 447 26.13 -21.29 -13.46
CA SER A 447 25.72 -19.91 -13.75
C SER A 447 26.83 -19.18 -14.52
N ASP A 448 26.94 -19.55 -15.79
CA ASP A 448 28.00 -19.03 -16.67
C ASP A 448 27.47 -17.81 -17.43
N ASN A 449 28.01 -16.64 -17.10
CA ASN A 449 27.61 -15.42 -17.80
C ASN A 449 28.12 -15.38 -19.23
N ILE A 450 29.30 -15.95 -19.48
CA ILE A 450 29.89 -15.88 -20.81
C ILE A 450 29.08 -16.69 -21.80
N TYR A 451 28.64 -17.89 -21.40
CA TYR A 451 27.75 -18.66 -22.26
C TYR A 451 26.48 -17.88 -22.56
N THR A 452 25.87 -17.30 -21.52
CA THR A 452 24.64 -16.55 -21.71
C THR A 452 24.87 -15.34 -22.60
N ALA A 453 25.99 -14.65 -22.42
CA ALA A 453 26.27 -13.47 -23.23
C ALA A 453 26.46 -13.84 -24.70
N GLN A 454 27.19 -14.93 -24.97
CA GLN A 454 27.44 -15.33 -26.34
C GLN A 454 26.16 -15.78 -27.03
N GLU A 455 25.31 -16.53 -26.33
CA GLU A 455 24.05 -16.97 -26.92
C GLU A 455 23.09 -15.81 -27.12
N THR A 456 23.18 -14.77 -26.27
CA THR A 456 22.32 -13.61 -26.43
C THR A 456 22.75 -12.79 -27.65
N LEU A 457 24.04 -12.54 -27.80
CA LEU A 457 24.53 -11.80 -28.97
C LEU A 457 24.28 -12.58 -30.25
N LYS A 458 24.45 -13.90 -30.21
CA LYS A 458 24.12 -14.74 -31.36
C LYS A 458 22.64 -14.62 -31.71
N MET A 459 21.79 -14.51 -30.68
CA MET A 459 20.35 -14.40 -30.91
C MET A 459 20.00 -13.09 -31.61
N GLY A 460 20.65 -12.00 -31.24
CA GLY A 460 20.32 -10.69 -31.76
C GLY A 460 19.23 -10.01 -30.94
N GLU A 461 19.21 -8.68 -31.05
CA GLU A 461 18.28 -7.89 -30.24
C GLU A 461 16.83 -8.13 -30.66
N LYS A 462 16.56 -8.20 -31.96
CA LYS A 462 15.19 -8.35 -32.42
C LYS A 462 14.60 -9.67 -31.93
N LYS A 463 15.34 -10.77 -32.09
CA LYS A 463 14.85 -12.06 -31.61
C LYS A 463 14.72 -12.06 -30.09
N PHE A 464 15.65 -11.39 -29.40
CA PHE A 464 15.61 -11.34 -27.94
C PHE A 464 14.36 -10.61 -27.46
N ARG A 465 14.10 -9.41 -27.98
CA ARG A 465 12.93 -8.65 -27.56
C ARG A 465 11.64 -9.32 -27.99
N THR A 466 11.66 -10.06 -29.11
CA THR A 466 10.46 -10.79 -29.53
C THR A 466 10.02 -11.76 -28.45
N GLY A 467 10.98 -12.46 -27.83
CA GLY A 467 10.64 -13.34 -26.73
C GLY A 467 10.34 -12.60 -25.45
N LEU A 468 10.99 -11.45 -25.24
CA LEU A 468 10.78 -10.69 -24.01
C LEU A 468 9.39 -10.05 -23.98
N ASP A 469 8.94 -9.54 -25.12
CA ASP A 469 7.64 -8.85 -25.16
C ASP A 469 6.48 -9.79 -24.85
N LYS A 470 6.67 -11.09 -25.01
CA LYS A 470 5.61 -12.04 -24.64
C LYS A 470 5.36 -12.10 -23.15
N PHE A 471 6.25 -11.54 -22.33
CA PHE A 471 6.05 -11.54 -20.89
C PHE A 471 5.26 -10.32 -20.46
N ILE A 472 5.52 -9.81 -19.26
CA ILE A 472 4.68 -8.77 -18.67
C ILE A 472 5.45 -7.47 -18.51
N PHE A 473 6.45 -7.25 -19.35
CA PHE A 473 7.19 -5.99 -19.30
C PHE A 473 6.29 -4.84 -19.71
N GLY A 474 6.22 -3.81 -18.85
CA GLY A 474 5.36 -2.68 -19.09
C GLY A 474 3.94 -2.83 -18.62
N GLU A 475 3.54 -4.04 -18.22
CA GLU A 475 2.17 -4.28 -17.79
C GLU A 475 1.95 -3.85 -16.35
N ASP A 476 0.75 -3.39 -16.07
CA ASP A 476 0.32 -3.05 -14.71
C ASP A 476 -0.49 -4.21 -14.16
N LEU A 477 0.07 -4.92 -13.19
CA LEU A 477 -0.63 -6.06 -12.60
C LEU A 477 -1.86 -5.58 -11.83
N ASP A 478 -2.93 -6.39 -11.89
CA ASP A 478 -4.17 -6.08 -11.17
C ASP A 478 -4.02 -6.53 -9.71
N LEU A 479 -3.24 -5.73 -8.98
CA LEU A 479 -2.96 -6.00 -7.58
C LEU A 479 -3.12 -4.72 -6.77
N PRO A 480 -3.62 -4.83 -5.54
CA PRO A 480 -3.78 -3.63 -4.69
C PRO A 480 -2.47 -3.19 -4.06
N ILE A 481 -1.38 -3.22 -4.82
CA ILE A 481 -0.05 -2.87 -4.32
C ILE A 481 0.57 -1.88 -5.30
N SER A 482 1.02 -0.74 -4.77
CA SER A 482 1.66 0.26 -5.61
C SER A 482 3.00 -0.26 -6.11
N MET A 483 3.21 -0.24 -7.41
CA MET A 483 4.43 -0.75 -8.00
C MET A 483 4.60 -0.19 -9.40
N ASN A 484 5.84 -0.09 -9.83
CA ASN A 484 6.02 0.29 -11.23
C ASN A 484 6.17 -0.95 -12.10
N PRO A 485 5.70 -0.89 -13.34
CA PRO A 485 5.82 -2.06 -14.22
C PRO A 485 7.27 -2.38 -14.53
N ALA A 486 7.54 -3.67 -14.72
CA ALA A 486 8.88 -4.11 -15.07
C ALA A 486 9.27 -3.57 -16.44
N GLN A 487 10.57 -3.34 -16.62
CA GLN A 487 11.08 -2.79 -17.86
C GLN A 487 12.27 -3.61 -18.36
N ILE A 488 12.41 -3.68 -19.68
CA ILE A 488 13.55 -4.34 -20.29
C ILE A 488 14.78 -3.45 -20.24
N SER A 489 14.64 -2.22 -20.73
CA SER A 489 15.70 -1.23 -20.70
C SER A 489 15.07 0.14 -20.51
N ASN A 490 15.88 1.18 -20.61
CA ASN A 490 15.36 2.55 -20.49
C ASN A 490 14.53 2.92 -21.71
N GLU A 491 15.03 2.63 -22.90
CA GLU A 491 14.35 2.91 -24.15
C GLU A 491 13.94 1.60 -24.83
N ASP A 492 13.27 1.72 -25.97
CA ASP A 492 12.81 0.56 -26.73
C ASP A 492 13.92 -0.11 -27.51
N SER A 493 15.17 0.34 -27.37
CA SER A 493 16.28 -0.27 -28.08
C SER A 493 17.53 -0.17 -27.22
N PHE A 494 18.27 -1.27 -27.10
CA PHE A 494 19.51 -1.25 -26.34
C PHE A 494 20.53 -0.31 -26.97
N ASN A 495 20.67 -0.36 -28.30
CA ASN A 495 21.66 0.43 -29.04
C ASN A 495 23.07 0.21 -28.51
N SER A 496 23.34 -1.03 -28.07
CA SER A 496 24.66 -1.41 -27.57
C SER A 496 24.76 -2.91 -27.44
N ASP A 497 25.73 -3.53 -28.12
CA ASP A 497 25.96 -4.96 -27.96
C ASP A 497 26.33 -5.29 -26.53
N ILE A 498 27.00 -4.38 -25.83
CA ILE A 498 27.35 -4.60 -24.44
C ILE A 498 26.09 -4.65 -23.57
N LEU A 499 25.19 -3.68 -23.75
CA LEU A 499 23.95 -3.69 -22.97
C LEU A 499 23.06 -4.87 -23.34
N LEU A 500 23.13 -5.31 -24.60
CA LEU A 500 22.37 -6.50 -25.00
C LEU A 500 22.85 -7.73 -24.23
N ALA A 501 24.17 -7.88 -24.09
CA ALA A 501 24.71 -9.04 -23.37
C ALA A 501 24.38 -8.96 -21.88
N ASP A 502 24.55 -7.79 -21.26
CA ASP A 502 24.25 -7.65 -19.84
C ASP A 502 22.80 -8.01 -19.55
N THR A 503 21.88 -7.60 -20.42
CA THR A 503 20.48 -7.96 -20.24
C THR A 503 20.26 -9.46 -20.34
N GLY A 504 21.14 -10.15 -21.07
CA GLY A 504 20.99 -11.59 -21.24
C GLY A 504 21.06 -12.35 -19.92
N TYR A 505 22.06 -12.02 -19.10
CA TYR A 505 22.24 -12.68 -17.82
C TYR A 505 21.72 -11.85 -16.65
N GLY A 506 20.67 -11.04 -16.88
CA GLY A 506 19.95 -10.43 -15.80
C GLY A 506 20.54 -9.16 -15.22
N GLN A 507 21.48 -8.54 -15.91
CA GLN A 507 22.00 -7.24 -15.46
C GLN A 507 21.47 -6.13 -16.36
N GLY A 508 22.34 -5.21 -16.75
CA GLY A 508 21.90 -4.14 -17.64
C GLY A 508 20.89 -3.22 -16.96
N GLU A 509 19.92 -2.75 -17.75
CA GLU A 509 18.90 -1.84 -17.26
C GLU A 509 17.61 -2.56 -16.91
N LEU A 510 17.68 -3.84 -16.57
CA LEU A 510 16.49 -4.59 -16.18
C LEU A 510 16.00 -4.13 -14.81
N LEU A 511 14.68 -4.04 -14.65
CA LEU A 511 14.05 -3.67 -13.39
C LEU A 511 12.79 -4.50 -13.24
N ILE A 512 12.85 -5.56 -12.42
CA ILE A 512 11.73 -6.45 -12.18
C ILE A 512 11.63 -6.67 -10.67
N ASN A 513 10.49 -6.31 -10.09
CA ASN A 513 10.31 -6.49 -8.66
C ASN A 513 10.04 -7.97 -8.35
N PRO A 514 10.24 -8.39 -7.09
CA PRO A 514 10.04 -9.81 -6.75
C PRO A 514 8.68 -10.37 -7.13
N ILE A 515 7.61 -9.58 -7.01
CA ILE A 515 6.29 -10.09 -7.40
C ILE A 515 6.23 -10.31 -8.91
N GLN A 516 6.75 -9.36 -9.70
CA GLN A 516 6.78 -9.52 -11.14
C GLN A 516 7.69 -10.67 -11.56
N GLN A 517 8.75 -10.94 -10.80
CA GLN A 517 9.60 -12.08 -11.11
C GLN A 517 8.88 -13.40 -10.91
N ALA A 518 8.14 -13.53 -9.81
CA ALA A 518 7.35 -14.75 -9.58
C ALA A 518 6.28 -14.93 -10.64
N ALA A 519 5.83 -13.84 -11.26
CA ALA A 519 4.87 -13.93 -12.35
C ALA A 519 5.54 -14.40 -13.64
N MET A 520 6.69 -13.81 -13.97
CA MET A 520 7.40 -14.19 -15.19
C MET A 520 7.95 -15.60 -15.10
N TYR A 521 8.36 -16.04 -13.90
CA TYR A 521 8.93 -17.36 -13.74
C TYR A 521 7.89 -18.46 -13.57
N SER A 522 6.61 -18.09 -13.47
CA SER A 522 5.56 -19.10 -13.36
C SER A 522 5.41 -19.94 -14.61
N VAL A 523 6.01 -19.52 -15.74
CA VAL A 523 5.88 -20.28 -16.97
C VAL A 523 6.48 -21.67 -16.82
N PHE A 524 7.53 -21.80 -16.01
CA PHE A 524 8.18 -23.09 -15.82
C PHE A 524 7.39 -24.03 -14.91
N ALA A 525 6.26 -23.58 -14.37
CA ALA A 525 5.37 -24.43 -13.60
C ALA A 525 4.01 -24.59 -14.27
N ASN A 526 3.86 -24.10 -15.50
CA ASN A 526 2.60 -24.20 -16.22
C ASN A 526 2.83 -24.50 -17.70
N ASN A 527 3.94 -25.16 -18.02
CA ASN A 527 4.25 -25.58 -19.40
C ASN A 527 4.24 -24.40 -20.37
N GLY A 528 4.76 -23.26 -19.93
CA GLY A 528 4.88 -22.09 -20.78
C GLY A 528 3.77 -21.08 -20.65
N THR A 529 2.80 -21.32 -19.77
CA THR A 529 1.71 -20.39 -19.54
C THR A 529 2.04 -19.51 -18.34
N LEU A 530 2.00 -18.20 -18.53
CA LEU A 530 2.21 -17.26 -17.44
C LEU A 530 0.92 -17.07 -16.66
N VAL A 531 0.99 -17.24 -15.34
CA VAL A 531 -0.17 -17.10 -14.47
C VAL A 531 0.03 -15.85 -13.61
N TYR A 532 -0.84 -14.87 -13.80
CA TYR A 532 -0.71 -13.61 -13.08
C TYR A 532 -0.91 -13.81 -11.59
N PRO A 533 -0.17 -13.09 -10.75
CA PRO A 533 -0.33 -13.25 -9.30
C PRO A 533 -1.67 -12.74 -8.81
N LYS A 534 -2.08 -13.25 -7.66
CA LYS A 534 -3.40 -12.97 -7.10
C LYS A 534 -3.26 -12.80 -5.59
N LEU A 535 -3.76 -11.68 -5.07
CA LEU A 535 -3.73 -11.40 -3.64
C LEU A 535 -5.08 -11.54 -2.96
N ILE A 536 -6.17 -11.22 -3.64
CA ILE A 536 -7.51 -11.38 -3.10
C ILE A 536 -7.97 -12.80 -3.34
N ALA A 537 -8.48 -13.44 -2.29
CA ALA A 537 -8.77 -14.88 -2.35
C ALA A 537 -9.86 -15.18 -3.38
N ASP A 538 -10.93 -14.39 -3.39
CA ASP A 538 -12.07 -14.68 -4.25
C ASP A 538 -11.82 -14.34 -5.72
N LYS A 539 -10.78 -13.54 -6.02
CA LYS A 539 -10.57 -13.08 -7.38
C LYS A 539 -10.26 -14.26 -8.30
N GLU A 540 -10.68 -14.14 -9.56
CA GLU A 540 -10.52 -15.21 -10.53
C GLU A 540 -9.08 -15.27 -11.03
N THR A 541 -8.61 -16.48 -11.29
CA THR A 541 -7.27 -16.67 -11.82
C THR A 541 -7.17 -16.19 -13.25
N LYS A 542 -6.18 -15.34 -13.52
CA LYS A 542 -5.90 -14.87 -14.87
C LYS A 542 -4.54 -15.40 -15.32
N ASP A 543 -4.47 -15.85 -16.56
CA ASP A 543 -3.24 -16.41 -17.12
C ASP A 543 -3.00 -15.82 -18.51
N LYS A 544 -1.88 -16.22 -19.11
CA LYS A 544 -1.45 -15.74 -20.42
C LYS A 544 -0.81 -16.91 -21.15
N LYS A 545 -1.49 -17.43 -22.17
CA LYS A 545 -1.07 -18.65 -22.84
C LYS A 545 0.12 -18.42 -23.76
N ASN A 546 0.94 -19.46 -23.90
CA ASN A 546 2.00 -19.52 -24.92
C ASN A 546 3.01 -18.39 -24.76
N VAL A 547 3.52 -18.22 -23.54
CA VAL A 547 4.58 -17.24 -23.32
C VAL A 547 5.92 -17.79 -23.75
N ILE A 548 6.23 -19.04 -23.36
CA ILE A 548 7.34 -19.78 -23.91
C ILE A 548 6.84 -21.16 -24.34
N GLY A 549 7.62 -21.81 -25.20
CA GLY A 549 7.23 -23.10 -25.70
C GLY A 549 7.32 -24.19 -24.65
N GLU A 550 6.43 -25.18 -24.76
CA GLU A 550 6.45 -26.30 -23.84
C GLU A 550 7.73 -27.12 -23.98
N THR A 551 8.34 -27.09 -25.16
CA THR A 551 9.61 -27.79 -25.36
C THR A 551 10.72 -27.17 -24.51
N ALA A 552 10.73 -25.84 -24.41
CA ALA A 552 11.76 -25.16 -23.63
C ALA A 552 11.60 -25.46 -22.14
N VAL A 553 10.36 -25.59 -21.67
CA VAL A 553 10.13 -25.88 -20.25
C VAL A 553 10.65 -27.28 -19.92
N GLN A 554 10.32 -28.27 -20.75
CA GLN A 554 10.78 -29.64 -20.54
C GLN A 554 12.30 -29.77 -20.69
N THR A 555 12.96 -28.77 -21.27
CA THR A 555 14.41 -28.77 -21.40
C THR A 555 15.10 -28.09 -20.22
N ILE A 556 14.54 -26.99 -19.73
CA ILE A 556 15.20 -26.20 -18.70
C ILE A 556 14.93 -26.75 -17.31
N VAL A 557 13.68 -27.15 -17.04
CA VAL A 557 13.32 -27.60 -15.69
C VAL A 557 14.19 -28.77 -15.23
N PRO A 558 14.45 -29.80 -16.05
CA PRO A 558 15.40 -30.83 -15.60
C PRO A 558 16.78 -30.27 -15.30
N ASP A 559 17.24 -29.29 -16.08
CA ASP A 559 18.52 -28.64 -15.77
C ASP A 559 18.45 -27.88 -14.45
N LEU A 560 17.29 -27.29 -14.13
CA LEU A 560 17.16 -26.58 -12.86
C LEU A 560 17.18 -27.52 -11.68
N ARG A 561 16.76 -28.78 -11.88
CA ARG A 561 16.94 -29.79 -10.84
C ARG A 561 18.42 -30.00 -10.54
N GLU A 562 19.26 -29.96 -11.57
CA GLU A 562 20.69 -30.19 -11.38
C GLU A 562 21.37 -29.01 -10.71
N VAL A 563 20.81 -27.80 -10.81
CA VAL A 563 21.34 -26.68 -10.03
C VAL A 563 21.30 -27.02 -8.54
N VAL A 564 20.37 -27.88 -8.13
CA VAL A 564 20.30 -28.31 -6.74
C VAL A 564 21.02 -29.63 -6.53
N GLN A 565 20.87 -30.57 -7.46
CA GLN A 565 21.33 -31.94 -7.23
C GLN A 565 22.80 -32.15 -7.63
N ASP A 566 23.28 -31.45 -8.65
CA ASP A 566 24.67 -31.62 -9.05
C ASP A 566 25.60 -31.12 -7.94
N VAL A 567 26.74 -31.78 -7.80
CA VAL A 567 27.65 -31.49 -6.69
C VAL A 567 28.21 -30.08 -6.82
N ASN A 568 28.35 -29.57 -8.04
CA ASN A 568 28.87 -28.23 -8.27
C ASN A 568 27.78 -27.21 -8.57
N GLY A 569 26.52 -27.56 -8.32
CA GLY A 569 25.45 -26.61 -8.53
C GLY A 569 25.47 -25.51 -7.49
N THR A 570 25.13 -24.29 -7.93
CA THR A 570 25.15 -23.13 -7.05
C THR A 570 24.06 -23.17 -5.99
N ALA A 571 23.14 -24.13 -6.05
CA ALA A 571 22.11 -24.30 -5.03
C ALA A 571 22.21 -25.68 -4.38
N HIS A 572 23.39 -26.30 -4.42
CA HIS A 572 23.54 -27.67 -3.93
C HIS A 572 23.29 -27.80 -2.43
N SER A 573 23.38 -26.71 -1.67
CA SER A 573 23.07 -26.78 -0.25
C SER A 573 21.61 -27.14 0.00
N LEU A 574 20.74 -26.92 -0.98
CA LEU A 574 19.33 -27.22 -0.85
C LEU A 574 19.02 -28.70 -1.03
N SER A 575 19.95 -29.48 -1.60
CA SER A 575 19.73 -30.91 -1.73
C SER A 575 19.63 -31.61 -0.38
N ALA A 576 20.10 -30.96 0.69
CA ALA A 576 19.94 -31.51 2.04
C ALA A 576 18.47 -31.67 2.41
N LEU A 577 17.57 -30.94 1.75
CA LEU A 577 16.15 -31.02 2.09
C LEU A 577 15.57 -32.38 1.74
N GLY A 578 16.09 -33.05 0.72
CA GLY A 578 15.52 -34.32 0.31
C GLY A 578 14.17 -34.21 -0.35
N ILE A 579 13.84 -33.04 -0.90
CA ILE A 579 12.56 -32.83 -1.56
C ILE A 579 12.81 -32.47 -3.02
N PRO A 580 11.87 -32.76 -3.93
CA PRO A 580 12.08 -32.38 -5.35
C PRO A 580 12.14 -30.88 -5.50
N LEU A 581 13.30 -30.39 -5.95
CA LEU A 581 13.55 -28.96 -6.10
C LEU A 581 14.11 -28.66 -7.47
N ALA A 582 13.60 -27.59 -8.06
CA ALA A 582 14.17 -26.98 -9.26
C ALA A 582 14.44 -25.52 -8.94
N ALA A 583 15.70 -25.13 -8.97
CA ALA A 583 16.09 -23.82 -8.50
C ALA A 583 17.09 -23.17 -9.46
N LYS A 584 17.28 -21.87 -9.28
CA LYS A 584 18.28 -21.09 -10.00
C LYS A 584 18.69 -19.93 -9.11
N THR A 585 19.98 -19.81 -8.84
CA THR A 585 20.47 -18.74 -7.98
C THR A 585 20.92 -17.54 -8.82
N GLY A 586 21.27 -16.47 -8.12
CA GLY A 586 21.75 -15.27 -8.76
C GLY A 586 22.35 -14.28 -7.78
N THR A 587 23.40 -13.59 -8.18
CA THR A 587 24.02 -12.54 -7.36
C THR A 587 24.29 -11.35 -8.28
N ALA A 588 23.35 -10.41 -8.30
CA ALA A 588 23.49 -9.23 -9.12
C ALA A 588 24.39 -8.22 -8.46
N GLU A 589 25.22 -7.56 -9.27
CA GLU A 589 26.15 -6.54 -8.79
C GLU A 589 25.59 -5.16 -9.12
N ILE A 590 25.64 -4.26 -8.14
CA ILE A 590 25.11 -2.91 -8.26
C ILE A 590 26.29 -1.94 -8.22
N PRO A 591 26.45 -1.06 -9.20
CA PRO A 591 27.55 -0.09 -9.15
C PRO A 591 27.34 0.94 -8.05
N ALA A 592 28.46 1.40 -7.47
CA ALA A 592 28.42 2.37 -6.39
C ALA A 592 28.63 3.78 -6.93
N PRO A 593 27.97 4.78 -6.33
CA PRO A 593 28.16 6.17 -6.78
C PRO A 593 29.59 6.65 -6.59
N ALA A 594 29.95 6.98 -5.35
CA ALA A 594 31.31 7.37 -5.04
C ALA A 594 32.24 6.16 -5.14
N PRO A 595 33.55 6.39 -5.32
CA PRO A 595 34.50 5.25 -5.33
C PRO A 595 34.41 4.42 -4.06
N ALA A 596 33.45 3.52 -4.01
CA ALA A 596 33.16 2.67 -2.87
C ALA A 596 33.01 1.24 -3.35
N PRO A 597 33.14 0.25 -2.45
CA PRO A 597 32.94 -1.14 -2.86
C PRO A 597 31.54 -1.37 -3.38
N GLY A 598 31.43 -2.23 -4.40
CA GLY A 598 30.15 -2.46 -5.02
C GLY A 598 29.21 -3.25 -4.14
N LYS A 599 27.92 -2.96 -4.29
CA LYS A 599 26.88 -3.66 -3.54
C LYS A 599 26.40 -4.86 -4.33
N GLU A 600 26.09 -5.94 -3.63
CA GLU A 600 25.64 -7.18 -4.25
C GLU A 600 24.28 -7.58 -3.69
N ASN A 601 23.44 -8.13 -4.56
CA ASN A 601 22.10 -8.59 -4.20
C ASN A 601 21.99 -10.08 -4.48
N SER A 602 21.73 -10.87 -3.44
CA SER A 602 21.55 -12.30 -3.60
C SER A 602 20.12 -12.60 -4.01
N PHE A 603 19.96 -13.61 -4.88
CA PHE A 603 18.65 -14.01 -5.37
C PHE A 603 18.51 -15.52 -5.32
N LEU A 604 17.28 -15.99 -5.18
CA LEU A 604 16.99 -17.42 -5.25
C LEU A 604 15.59 -17.62 -5.81
N PHE A 605 15.49 -18.40 -6.88
CA PHE A 605 14.23 -18.87 -7.42
C PHE A 605 14.15 -20.38 -7.21
N ALA A 606 12.99 -20.86 -6.78
CA ALA A 606 12.84 -22.28 -6.49
C ALA A 606 11.36 -22.64 -6.49
N PHE A 607 11.06 -23.84 -6.99
CA PHE A 607 9.70 -24.36 -7.00
C PHE A 607 9.76 -25.88 -7.04
N ASN A 608 8.60 -26.51 -6.84
CA ASN A 608 8.50 -27.96 -6.86
C ASN A 608 8.26 -28.41 -8.30
N PRO A 609 9.22 -29.10 -8.93
CA PRO A 609 9.03 -29.52 -10.33
C PRO A 609 8.18 -30.77 -10.48
N ASP A 610 7.77 -31.42 -9.39
CA ASP A 610 6.95 -32.61 -9.47
C ASP A 610 5.46 -32.29 -9.48
N ASN A 611 4.99 -31.48 -8.52
CA ASN A 611 3.57 -31.17 -8.40
C ASN A 611 3.23 -29.72 -8.69
N GLN A 612 4.23 -28.85 -8.86
CA GLN A 612 4.00 -27.42 -9.11
C GLN A 612 3.15 -26.79 -8.01
N GLY A 613 3.27 -27.29 -6.78
CA GLY A 613 2.42 -26.81 -5.70
C GLY A 613 2.79 -25.45 -5.17
N TYR A 614 4.08 -25.10 -5.20
CA TYR A 614 4.56 -23.83 -4.68
C TYR A 614 5.70 -23.32 -5.54
N MET A 615 5.94 -22.01 -5.44
CA MET A 615 7.03 -21.34 -6.12
C MET A 615 7.43 -20.14 -5.28
N MET A 616 8.73 -19.93 -5.12
CA MET A 616 9.20 -18.84 -4.28
C MET A 616 10.33 -18.09 -4.97
N VAL A 617 10.46 -16.81 -4.63
CA VAL A 617 11.52 -15.94 -5.12
C VAL A 617 11.97 -15.08 -3.94
N SER A 618 13.16 -15.36 -3.41
CA SER A 618 13.69 -14.65 -2.26
C SER A 618 14.94 -13.88 -2.68
N MET A 619 15.21 -12.78 -1.97
CA MET A 619 16.36 -11.95 -2.30
C MET A 619 16.85 -11.23 -1.06
N LEU A 620 18.14 -10.88 -1.08
CA LEU A 620 18.77 -10.04 -0.08
C LEU A 620 19.33 -8.81 -0.76
N GLU A 621 18.99 -7.63 -0.26
CA GLU A 621 19.48 -6.39 -0.82
C GLU A 621 20.74 -5.95 -0.06
N ASN A 622 21.79 -5.60 -0.81
CA ASN A 622 23.07 -5.21 -0.24
C ASN A 622 23.55 -6.26 0.77
N LYS A 623 23.75 -7.48 0.25
CA LYS A 623 24.06 -8.61 1.10
C LYS A 623 25.39 -8.43 1.83
N GLU A 624 25.46 -9.02 3.02
CA GLU A 624 26.74 -9.15 3.70
C GLU A 624 27.53 -10.29 3.09
N ASP A 625 28.81 -10.38 3.47
CA ASP A 625 29.67 -11.41 2.90
C ASP A 625 29.28 -12.79 3.42
N ASP A 626 29.29 -13.76 2.50
CA ASP A 626 28.93 -15.17 2.75
C ASP A 626 27.43 -15.34 3.00
N ASP A 627 26.69 -14.24 3.06
CA ASP A 627 25.24 -14.30 3.22
C ASP A 627 24.58 -14.45 1.86
N SER A 628 23.44 -15.13 1.84
CA SER A 628 22.73 -15.36 0.58
C SER A 628 21.29 -15.73 0.88
N ALA A 629 20.47 -15.74 -0.18
CA ALA A 629 19.08 -16.14 -0.05
C ALA A 629 18.95 -17.66 0.03
N THR A 630 19.80 -18.39 -0.72
CA THR A 630 19.80 -19.85 -0.64
C THR A 630 20.13 -20.32 0.77
N LYS A 631 20.97 -19.57 1.49
CA LYS A 631 21.37 -19.94 2.84
C LYS A 631 20.17 -20.01 3.78
N ARG A 632 19.14 -19.19 3.53
CA ARG A 632 18.05 -19.00 4.49
C ARG A 632 16.74 -19.63 4.04
N ALA A 633 16.75 -20.43 2.97
CA ALA A 633 15.53 -20.87 2.33
C ALA A 633 15.05 -22.24 2.79
N SER A 634 15.85 -22.97 3.54
CA SER A 634 15.49 -24.35 3.89
C SER A 634 14.17 -24.40 4.64
N GLU A 635 13.95 -23.49 5.58
CA GLU A 635 12.78 -23.57 6.44
C GLU A 635 11.49 -23.26 5.68
N LEU A 636 11.52 -22.22 4.84
CA LEU A 636 10.32 -21.88 4.08
C LEU A 636 10.03 -22.94 3.02
N LEU A 637 11.07 -23.51 2.40
CA LEU A 637 10.86 -24.54 1.40
C LEU A 637 10.24 -25.80 2.00
N GLN A 638 10.63 -26.15 3.22
CA GLN A 638 10.04 -27.31 3.88
C GLN A 638 8.55 -27.10 4.14
N TYR A 639 8.17 -25.88 4.55
CA TYR A 639 6.76 -25.61 4.81
C TYR A 639 5.94 -25.61 3.53
N LEU A 640 6.42 -24.90 2.50
CA LEU A 640 5.67 -24.82 1.25
C LEU A 640 5.54 -26.19 0.59
N ASN A 641 6.58 -27.01 0.69
CA ASN A 641 6.52 -28.35 0.10
C ASN A 641 5.57 -29.25 0.88
N GLN A 642 5.44 -29.03 2.19
CA GLN A 642 4.58 -29.87 3.01
C GLN A 642 3.10 -29.53 2.83
N ASN A 643 2.77 -28.24 2.68
CA ASN A 643 1.39 -27.78 2.75
C ASN A 643 0.80 -27.38 1.41
N TYR A 644 1.60 -27.23 0.36
CA TYR A 644 1.12 -26.75 -0.93
C TYR A 644 1.65 -27.65 -2.04
N GLN A 645 0.80 -28.57 -2.50
CA GLN A 645 1.19 -29.55 -3.51
C GLN A 645 0.27 -29.46 -4.72
O8 PNM B . 23.86 -13.53 -10.98
C7 PNM B . 24.43 -14.16 -11.87
N4 PNM B . 25.34 -16.28 -10.63
C3 PNM B . 25.75 -16.12 -9.24
C11 PNM B . 24.84 -16.97 -8.41
O13 PNM B . 24.84 -16.74 -7.18
O12 PNM B . 24.17 -17.83 -9.07
C2 PNM B . 27.24 -16.51 -9.14
C10 PNM B . 27.96 -15.94 -7.91
C9 PNM B . 27.47 -18.02 -9.24
S1 PNM B . 27.94 -15.68 -10.60
C5 PNM B . 26.35 -15.66 -11.50
C6 PNM B . 25.94 -14.26 -11.94
N14 PNM B . 26.55 -13.19 -11.18
C15 PNM B . 27.66 -12.47 -11.63
O16 PNM B . 28.24 -12.68 -12.68
C17 PNM B . 28.07 -11.39 -10.64
C18 PNM B . 28.93 -11.86 -9.49
C19 PNM B . 30.12 -12.52 -9.75
C20 PNM B . 30.92 -12.94 -8.67
C21 PNM B . 30.51 -12.68 -7.36
C22 PNM B . 29.32 -12.01 -7.13
C23 PNM B . 28.53 -11.59 -8.20
S SO4 C . -12.26 6.70 -0.98
O1 SO4 C . -11.94 8.00 -1.54
O2 SO4 C . -12.26 5.70 -2.05
O3 SO4 C . -11.25 6.33 0.02
O4 SO4 C . -13.58 6.74 -0.34
S SO4 D . -5.75 19.75 9.23
O1 SO4 D . -5.91 18.31 9.11
O2 SO4 D . -4.52 20.19 8.56
O3 SO4 D . -6.89 20.42 8.61
O4 SO4 D . -5.69 20.11 10.64
S SO4 E . 2.37 2.00 0.64
O1 SO4 E . 2.61 2.18 -0.78
O2 SO4 E . 2.86 0.69 1.07
O3 SO4 E . 3.07 3.04 1.39
O4 SO4 E . 0.94 2.09 0.90
S SO4 F . 19.54 -7.71 -34.76
O1 SO4 F . 19.00 -7.49 -36.09
O2 SO4 F . 20.58 -8.74 -34.83
O3 SO4 F . 20.12 -6.48 -34.27
O4 SO4 F . 18.47 -8.15 -33.87
S SO4 G . 6.94 -21.06 -29.56
O1 SO4 G . 7.80 -20.85 -30.72
O2 SO4 G . 6.70 -22.49 -29.39
O3 SO4 G . 7.59 -20.53 -28.35
O4 SO4 G . 5.68 -20.37 -29.75
S SO4 H . 4.94 -26.00 -27.91
O1 SO4 H . 4.19 -27.25 -27.94
O2 SO4 H . 4.87 -25.35 -29.22
O3 SO4 H . 6.33 -26.28 -27.56
O4 SO4 H . 4.36 -25.12 -26.89
S SO4 I . -3.90 -15.10 -24.03
O1 SO4 I . -4.20 -15.70 -25.32
O2 SO4 I . -3.05 -16.00 -23.26
O3 SO4 I . -3.20 -13.83 -24.23
O4 SO4 I . -5.13 -14.86 -23.29
S SO4 J . 35.39 -16.70 -29.21
O1 SO4 J . 34.65 -17.74 -28.50
O2 SO4 J . 36.09 -17.28 -30.36
O3 SO4 J . 36.37 -16.10 -28.30
O4 SO4 J . 34.46 -15.68 -29.68
S SO4 K . -26.18 43.88 6.10
O1 SO4 K . -26.54 42.88 5.11
O2 SO4 K . -25.73 45.10 5.42
O3 SO4 K . -25.07 43.37 6.92
O4 SO4 K . -27.33 44.17 6.95
S SO4 L . -21.74 -6.96 10.56
O1 SO4 L . -22.47 -6.02 9.71
O2 SO4 L . -21.22 -8.06 9.77
O3 SO4 L . -20.65 -6.26 11.23
O4 SO4 L . -22.66 -7.49 11.59
S SO4 M . 35.98 -29.01 -18.32
O1 SO4 M . 34.98 -28.68 -19.33
O2 SO4 M . 36.78 -30.14 -18.79
O3 SO4 M . 36.86 -27.86 -18.12
O4 SO4 M . 35.33 -29.36 -17.06
S SO4 N . 27.71 -20.55 2.64
O1 SO4 N . 27.27 -19.22 2.24
O2 SO4 N . 28.15 -21.30 1.48
O3 SO4 N . 28.81 -20.43 3.59
O4 SO4 N . 26.61 -21.26 3.29
S SO4 O . 3.68 -35.50 -5.66
O1 SO4 O . 3.06 -35.61 -6.98
O2 SO4 O . 5.08 -35.11 -5.82
O3 SO4 O . 2.98 -34.49 -4.87
O4 SO4 O . 3.61 -36.78 -4.98
S SO4 P . 5.67 10.40 23.20
O1 SO4 P . 6.01 11.20 22.03
O2 SO4 P . 4.54 9.53 22.88
O3 SO4 P . 5.32 11.27 24.32
O4 SO4 P . 6.82 9.57 23.57
S SO4 Q . -28.37 21.87 -16.10
O1 SO4 Q . -29.36 21.13 -16.87
O2 SO4 Q . -27.46 22.57 -17.00
O3 SO4 Q . -27.61 20.96 -15.26
O4 SO4 Q . -29.06 22.86 -15.26
S SO4 R . -5.55 -24.28 0.82
O1 SO4 R . -6.64 -24.19 -0.14
O2 SO4 R . -4.31 -24.58 0.11
O3 SO4 R . -5.42 -23.02 1.55
O4 SO4 R . -5.83 -25.36 1.78
S SO4 S . 10.85 -32.43 -15.17
O1 SO4 S . 11.00 -31.72 -16.44
O2 SO4 S . 10.29 -33.75 -15.42
O3 SO4 S . 9.95 -31.68 -14.30
O4 SO4 S . 12.15 -32.56 -14.53
S SO4 T . 27.37 -1.76 -31.18
O1 SO4 T . 26.07 -2.33 -31.51
O2 SO4 T . 28.26 -1.86 -32.34
O3 SO4 T . 27.22 -0.35 -30.81
O4 SO4 T . 27.96 -2.50 -30.06
S SO4 U . 1.58 6.51 24.03
O1 SO4 U . 2.07 7.41 22.99
O2 SO4 U . 2.01 5.14 23.74
O3 SO4 U . 2.12 6.92 25.33
O4 SO4 U . 0.13 6.56 24.07
S SO4 V . 9.71 -24.07 -30.89
O1 SO4 V . 8.84 -23.65 -31.98
O2 SO4 V . 11.11 -24.01 -31.33
O3 SO4 V . 9.52 -23.17 -29.75
O4 SO4 V . 9.40 -25.44 -30.51
S SO4 W . -3.93 -28.68 -11.97
O1 SO4 W . -5.15 -29.27 -12.51
O2 SO4 W . -2.78 -29.45 -12.43
O3 SO4 W . -3.81 -27.30 -12.43
O4 SO4 W . -3.98 -28.71 -10.51
#